data_5WZZ
#
_entry.id   5WZZ
#
_cell.length_a   41.502
_cell.length_b   86.450
_cell.length_c   117.454
_cell.angle_alpha   90.00
_cell.angle_beta   98.43
_cell.angle_gamma   90.00
#
_symmetry.space_group_name_H-M   'P 1 21 1'
#
loop_
_entity.id
_entity.type
_entity.pdbx_description
1 polymer 'E3 ubiquitin-protein ligase SIAH1'
2 polymer Axin-1
3 non-polymer 'ZINC ION'
4 water water
#
loop_
_entity_poly.entity_id
_entity_poly.type
_entity_poly.pdbx_seq_one_letter_code
_entity_poly.pdbx_strand_id
1 'polypeptide(L)'
;SVLFPCKYASSGCEITLPHTEKADHEELCEFRPYSCPCPGASCKWQGSLDAVMPHLMHQHKSITTLQGEDIVFLATDINL
PGAVDWVMMQSCFGFHFMLVLEKQEKYDGHQQFFAIVQLIGTRKQAENFAYRLELNGHRRRLTWEATPRSIHEGIATAIM
NSDCLVFDTSIAQLFAENGNLGINVTISMC
;
A,B,C,D
2 'polypeptide(L)' YRVPKEVRVEPQKFAEELIH E,F,G,H
#
# COMPACT_ATOMS: atom_id res chain seq x y z
N SER A 1 46.63 18.75 -18.01
CA SER A 1 47.78 18.76 -17.11
C SER A 1 47.48 19.47 -15.79
N VAL A 2 46.22 19.87 -15.62
CA VAL A 2 45.74 20.37 -14.35
C VAL A 2 45.37 19.14 -13.49
N LEU A 3 45.74 19.13 -12.22
CA LEU A 3 45.60 17.92 -11.39
C LEU A 3 44.64 18.10 -10.22
N PHE A 4 43.71 17.15 -10.08
CA PHE A 4 42.73 17.16 -9.00
C PHE A 4 43.00 16.10 -7.97
N PRO A 5 42.80 16.44 -6.69
CA PRO A 5 42.91 15.41 -5.64
C PRO A 5 41.81 14.36 -5.78
N CYS A 6 42.11 13.12 -5.43
CA CYS A 6 41.09 12.09 -5.33
C CYS A 6 40.01 12.51 -4.36
N LYS A 7 38.76 12.18 -4.66
CA LYS A 7 37.67 12.49 -3.74
C LYS A 7 37.88 11.83 -2.36
N TYR A 8 38.70 10.79 -2.26
CA TYR A 8 38.96 10.18 -0.95
C TYR A 8 40.25 10.66 -0.26
N ALA A 9 40.73 11.82 -0.71
CA ALA A 9 41.85 12.49 -0.05
C ALA A 9 41.57 12.74 1.43
N SER A 10 40.32 13.10 1.76
CA SER A 10 39.94 13.32 3.15
C SER A 10 40.10 12.05 3.97
N SER A 11 40.07 10.89 3.33
CA SER A 11 40.34 9.62 4.03
C SER A 11 41.80 9.18 3.93
N GLY A 12 42.62 9.91 3.19
CA GLY A 12 44.04 9.61 3.17
C GLY A 12 44.63 9.19 1.84
N CYS A 13 43.99 9.53 0.72
CA CYS A 13 44.50 8.99 -0.53
C CYS A 13 45.86 9.51 -1.04
N GLU A 14 46.03 10.82 -1.13
CA GLU A 14 47.25 11.45 -1.70
C GLU A 14 47.43 11.35 -3.23
N ILE A 15 46.53 10.68 -3.94
CA ILE A 15 46.63 10.67 -5.40
C ILE A 15 45.98 11.92 -5.97
N THR A 16 46.63 12.52 -6.96
CA THR A 16 46.08 13.65 -7.71
C THR A 16 46.14 13.30 -9.17
N LEU A 17 45.07 13.55 -9.93
CA LEU A 17 45.02 13.09 -11.31
C LEU A 17 44.38 14.06 -12.29
N PRO A 18 44.67 13.87 -13.59
CA PRO A 18 43.90 14.62 -14.61
C PRO A 18 42.42 14.16 -14.58
N HIS A 19 41.48 15.06 -14.90
CA HIS A 19 40.04 14.75 -14.87
C HIS A 19 39.67 13.53 -15.71
N THR A 20 40.45 13.32 -16.76
CA THR A 20 40.30 12.21 -17.68
C THR A 20 40.46 10.87 -16.95
N GLU A 21 41.22 10.91 -15.85
CA GLU A 21 41.61 9.72 -15.11
C GLU A 21 40.92 9.61 -13.75
N LYS A 22 40.25 10.69 -13.34
CA LYS A 22 39.78 10.81 -11.97
C LYS A 22 38.77 9.72 -11.51
N ALA A 23 37.73 9.50 -12.29
CA ALA A 23 36.72 8.50 -11.91
C ALA A 23 37.19 7.06 -11.97
N ASP A 24 38.04 6.77 -12.96
CA ASP A 24 38.58 5.44 -13.12
C ASP A 24 39.41 5.16 -11.88
N HIS A 25 40.18 6.13 -11.40
CA HIS A 25 40.87 5.87 -10.13
C HIS A 25 39.93 5.76 -8.92
N GLU A 26 38.97 6.68 -8.81
CA GLU A 26 38.08 6.71 -7.63
C GLU A 26 37.23 5.47 -7.49
N GLU A 27 36.95 4.81 -8.61
CA GLU A 27 36.27 3.52 -8.56
C GLU A 27 37.15 2.40 -7.98
N LEU A 28 38.45 2.50 -8.21
CA LEU A 28 39.41 1.50 -7.73
C LEU A 28 40.09 1.88 -6.40
N CYS A 29 39.93 3.12 -5.97
CA CYS A 29 40.74 3.65 -4.86
C CYS A 29 40.58 2.85 -3.57
N GLU A 30 41.69 2.50 -2.95
CA GLU A 30 41.70 1.73 -1.71
C GLU A 30 40.97 2.46 -0.55
N PHE A 31 40.90 3.78 -0.64
CA PHE A 31 40.32 4.56 0.45
C PHE A 31 38.82 4.75 0.27
N ARG A 32 38.30 4.19 -0.82
CA ARG A 32 36.87 4.05 -1.04
C ARG A 32 36.22 3.20 0.04
N PRO A 33 35.06 3.65 0.55
CA PRO A 33 34.40 2.84 1.57
C PRO A 33 33.99 1.45 1.05
N TYR A 34 34.14 0.46 1.91
CA TYR A 34 33.69 -0.90 1.69
C TYR A 34 32.24 -1.03 2.13
N SER A 35 31.40 -1.66 1.31
CA SER A 35 30.02 -1.95 1.74
C SER A 35 29.98 -3.36 2.35
N CYS A 36 28.97 -3.65 3.17
CA CYS A 36 28.83 -4.98 3.78
C CYS A 36 28.86 -6.06 2.70
N PRO A 37 29.72 -7.06 2.87
CA PRO A 37 29.81 -8.04 1.78
C PRO A 37 28.75 -9.15 1.87
N CYS A 38 27.92 -9.13 2.91
CA CYS A 38 26.85 -10.13 3.00
C CYS A 38 25.86 -9.97 1.87
N PRO A 39 25.36 -11.09 1.34
CA PRO A 39 24.39 -11.13 0.25
C PRO A 39 23.06 -10.56 0.71
N GLY A 40 22.25 -10.12 -0.26
CA GLY A 40 20.93 -9.55 -0.03
C GLY A 40 21.00 -8.04 0.21
N ALA A 41 19.83 -7.41 0.22
CA ALA A 41 19.73 -5.95 0.35
C ALA A 41 19.27 -5.51 1.73
N SER A 42 19.60 -6.27 2.76
CA SER A 42 19.14 -5.93 4.10
C SER A 42 20.15 -5.05 4.83
N CYS A 43 21.44 -5.37 4.70
CA CYS A 43 22.41 -4.63 5.49
C CYS A 43 23.00 -3.51 4.64
N LYS A 44 22.92 -2.30 5.17
CA LYS A 44 23.35 -1.12 4.45
C LYS A 44 24.66 -0.56 4.99
N TRP A 45 25.37 -1.36 5.77
CA TRP A 45 26.61 -0.90 6.41
C TRP A 45 27.71 -0.55 5.40
N GLN A 46 28.54 0.41 5.80
CA GLN A 46 29.72 0.79 5.04
C GLN A 46 30.81 1.17 6.03
N GLY A 47 32.07 0.97 5.64
CA GLY A 47 33.19 1.32 6.49
C GLY A 47 34.50 0.98 5.81
N SER A 48 35.60 1.17 6.53
CA SER A 48 36.91 0.81 6.01
C SER A 48 37.12 -0.70 6.06
N LEU A 49 38.18 -1.15 5.41
CA LEU A 49 38.49 -2.57 5.36
C LEU A 49 38.66 -3.18 6.77
N ASP A 50 39.44 -2.53 7.61
CA ASP A 50 39.72 -3.04 8.95
C ASP A 50 38.46 -3.15 9.82
N ALA A 51 37.40 -2.43 9.45
CA ALA A 51 36.15 -2.48 10.21
C ALA A 51 35.21 -3.60 9.71
N VAL A 52 35.58 -4.24 8.60
CA VAL A 52 34.66 -5.23 8.03
C VAL A 52 34.49 -6.44 8.95
N MET A 53 35.58 -7.09 9.33
CA MET A 53 35.48 -8.28 10.20
C MET A 53 34.75 -8.01 11.53
N PRO A 54 35.08 -6.91 12.23
CA PRO A 54 34.31 -6.66 13.45
C PRO A 54 32.82 -6.51 13.14
N HIS A 55 32.50 -5.75 12.08
CA HIS A 55 31.12 -5.61 11.65
C HIS A 55 30.43 -6.96 11.50
N LEU A 56 31.04 -7.83 10.68
CA LEU A 56 30.48 -9.14 10.41
C LEU A 56 30.27 -9.89 11.71
N MET A 57 31.19 -9.70 12.66
CA MET A 57 31.10 -10.40 13.94
C MET A 57 29.99 -9.84 14.84
N HIS A 58 29.72 -8.55 14.74
CA HIS A 58 28.72 -7.93 15.62
C HIS A 58 27.31 -8.04 15.06
N GLN A 59 27.21 -7.87 13.74
CA GLN A 59 25.91 -7.76 13.09
C GLN A 59 25.46 -9.01 12.37
N HIS A 60 26.42 -9.89 12.10
CA HIS A 60 26.11 -11.09 11.36
C HIS A 60 26.59 -12.33 12.10
N LYS A 61 26.13 -12.47 13.34
CA LYS A 61 26.61 -13.48 14.28
C LYS A 61 26.43 -14.91 13.78
N SER A 62 25.42 -15.12 12.95
CA SER A 62 25.08 -16.46 12.48
C SER A 62 26.09 -16.98 11.46
N ILE A 63 26.93 -16.09 10.93
CA ILE A 63 27.91 -16.50 9.92
C ILE A 63 29.07 -17.27 10.57
N THR A 64 29.21 -18.54 10.18
CA THR A 64 30.23 -19.44 10.72
C THR A 64 31.56 -19.39 9.95
N THR A 65 32.68 -19.52 10.67
CA THR A 65 34.01 -19.55 10.02
C THR A 65 34.67 -20.92 10.15
N LEU A 66 35.28 -21.38 9.06
CA LEU A 66 36.10 -22.59 9.06
C LEU A 66 37.54 -22.26 8.66
N GLN A 67 38.48 -22.75 9.46
CA GLN A 67 39.90 -22.65 9.13
C GLN A 67 40.27 -23.79 8.16
N GLY A 68 40.98 -23.45 7.09
CA GLY A 68 41.48 -24.43 6.15
C GLY A 68 41.35 -23.95 4.71
N GLU A 69 42.22 -24.45 3.85
CA GLU A 69 42.20 -24.05 2.43
C GLU A 69 41.19 -24.91 1.64
N ASP A 70 40.71 -25.98 2.27
CA ASP A 70 39.92 -26.99 1.57
C ASP A 70 38.80 -27.43 2.49
N ILE A 71 37.58 -26.96 2.24
CA ILE A 71 36.47 -27.23 3.14
C ILE A 71 35.18 -27.61 2.40
N VAL A 72 34.19 -28.05 3.16
CA VAL A 72 32.87 -28.29 2.58
C VAL A 72 31.86 -27.28 3.11
N PHE A 73 31.25 -26.58 2.15
CA PHE A 73 30.19 -25.58 2.33
C PHE A 73 28.84 -26.31 2.20
N LEU A 74 28.22 -26.66 3.31
CA LEU A 74 26.95 -27.38 3.21
C LEU A 74 25.77 -26.45 3.34
N ALA A 75 25.17 -26.13 2.19
CA ALA A 75 23.99 -25.28 2.18
C ALA A 75 22.74 -26.12 2.51
N THR A 76 22.05 -25.82 3.61
CA THR A 76 20.87 -26.61 3.95
C THR A 76 19.59 -26.00 3.37
N ASP A 77 18.58 -26.84 3.14
CA ASP A 77 17.25 -26.40 2.74
C ASP A 77 17.20 -25.60 1.42
N ILE A 78 17.84 -26.12 0.39
CA ILE A 78 17.95 -25.35 -0.85
C ILE A 78 16.65 -25.28 -1.64
N ASN A 79 15.67 -26.15 -1.33
CA ASN A 79 14.41 -26.11 -2.06
C ASN A 79 13.30 -25.28 -1.40
N LEU A 80 13.65 -24.58 -0.32
CA LEU A 80 12.68 -23.81 0.48
C LEU A 80 12.29 -22.55 -0.24
N PRO A 81 11.04 -22.33 -0.54
CA PRO A 81 10.71 -21.26 -1.49
C PRO A 81 11.17 -19.85 -1.20
N GLY A 82 11.31 -19.11 -2.31
CA GLY A 82 11.64 -17.70 -2.36
C GLY A 82 12.97 -17.58 -3.06
N ALA A 83 13.51 -16.37 -3.07
CA ALA A 83 14.92 -16.14 -3.41
C ALA A 83 15.71 -16.24 -2.10
N VAL A 84 16.81 -16.98 -2.03
CA VAL A 84 17.45 -17.09 -0.70
C VAL A 84 18.99 -16.93 -0.73
N ASP A 85 19.58 -16.87 0.46
CA ASP A 85 20.99 -16.62 0.61
C ASP A 85 21.62 -17.63 1.57
N TRP A 86 22.86 -18.00 1.29
CA TRP A 86 23.69 -18.75 2.21
C TRP A 86 25.04 -18.04 2.22
N VAL A 87 25.68 -17.98 3.37
CA VAL A 87 26.96 -17.33 3.51
C VAL A 87 27.76 -17.97 4.64
N MET A 88 29.06 -18.16 4.40
CA MET A 88 29.96 -18.60 5.47
C MET A 88 31.33 -18.03 5.22
N MET A 89 32.23 -18.15 6.18
CA MET A 89 33.61 -17.70 5.96
C MET A 89 34.65 -18.83 6.08
N GLN A 90 35.69 -18.72 5.24
CA GLN A 90 36.82 -19.64 5.20
C GLN A 90 38.12 -18.88 5.49
N SER A 91 38.90 -19.36 6.45
CA SER A 91 40.13 -18.69 6.85
C SER A 91 41.39 -19.48 6.44
N CYS A 92 42.25 -18.87 5.62
CA CYS A 92 43.50 -19.52 5.19
C CYS A 92 44.48 -18.54 4.54
N PHE A 93 45.77 -18.86 4.57
CA PHE A 93 46.78 -18.02 3.94
C PHE A 93 46.79 -16.63 4.54
N GLY A 94 46.34 -16.52 5.78
CA GLY A 94 46.37 -15.25 6.47
C GLY A 94 45.19 -14.37 6.08
N PHE A 95 44.21 -14.91 5.38
CA PHE A 95 43.03 -14.13 4.97
C PHE A 95 41.72 -14.82 5.30
N HIS A 96 40.63 -14.04 5.24
CA HIS A 96 39.25 -14.56 5.30
C HIS A 96 38.58 -14.38 3.94
N PHE A 97 37.88 -15.44 3.55
CA PHE A 97 37.19 -15.51 2.28
C PHE A 97 35.73 -15.69 2.60
N MET A 98 34.86 -14.96 1.93
CA MET A 98 33.45 -15.20 2.19
C MET A 98 32.91 -16.04 1.06
N LEU A 99 32.22 -17.11 1.43
CA LEU A 99 31.60 -18.03 0.49
C LEU A 99 30.12 -17.66 0.44
N VAL A 100 29.61 -17.42 -0.76
CA VAL A 100 28.20 -17.04 -0.91
C VAL A 100 27.49 -17.94 -1.91
N LEU A 101 26.31 -18.41 -1.53
CA LEU A 101 25.38 -19.07 -2.44
C LEU A 101 24.10 -18.25 -2.51
N GLU A 102 23.65 -17.93 -3.73
CA GLU A 102 22.46 -17.11 -3.90
C GLU A 102 21.46 -17.75 -4.86
N LYS A 103 20.23 -17.84 -4.41
CA LYS A 103 19.15 -18.40 -5.21
C LYS A 103 18.25 -17.28 -5.67
N GLN A 104 18.04 -17.23 -6.99
CA GLN A 104 17.20 -16.23 -7.66
C GLN A 104 16.06 -16.90 -8.41
N GLU A 105 14.95 -16.17 -8.52
CA GLU A 105 13.77 -16.44 -9.35
C GLU A 105 14.06 -16.24 -10.85
N LYS A 106 13.97 -17.28 -11.67
CA LYS A 106 14.11 -17.04 -13.11
C LYS A 106 12.78 -17.24 -13.81
N TYR A 107 12.82 -17.37 -15.11
CA TYR A 107 11.60 -17.37 -15.92
C TYR A 107 10.21 -17.91 -15.60
N ASP A 108 10.15 -19.04 -14.93
CA ASP A 108 8.89 -19.71 -14.63
C ASP A 108 9.34 -20.19 -13.25
N GLY A 109 8.63 -21.18 -12.72
CA GLY A 109 8.96 -21.75 -11.43
C GLY A 109 10.44 -22.08 -11.31
N HIS A 110 11.14 -22.05 -12.45
CA HIS A 110 12.55 -22.34 -12.48
C HIS A 110 13.33 -21.23 -11.84
N GLN A 111 14.25 -21.63 -10.98
CA GLN A 111 15.15 -20.74 -10.26
C GLN A 111 16.65 -20.99 -10.64
N GLN A 112 17.51 -20.03 -10.38
CA GLN A 112 18.92 -20.22 -10.66
C GLN A 112 19.77 -19.93 -9.45
N PHE A 113 20.86 -20.68 -9.34
CA PHE A 113 21.84 -20.59 -8.29
C PHE A 113 23.15 -19.99 -8.80
N PHE A 114 23.72 -19.14 -7.96
CA PHE A 114 25.01 -18.50 -8.20
C PHE A 114 25.88 -18.76 -6.98
N ALA A 115 27.10 -19.27 -7.18
CA ALA A 115 28.01 -19.49 -6.07
C ALA A 115 29.33 -18.83 -6.37
N ILE A 116 29.88 -18.13 -5.37
CA ILE A 116 31.03 -17.31 -5.60
C ILE A 116 31.79 -17.09 -4.29
N VAL A 117 33.10 -16.83 -4.41
CA VAL A 117 33.98 -16.55 -3.29
C VAL A 117 34.57 -15.13 -3.39
N GLN A 118 34.63 -14.41 -2.28
CA GLN A 118 35.25 -13.10 -2.25
C GLN A 118 36.36 -13.05 -1.25
N LEU A 119 37.38 -12.26 -1.54
CA LEU A 119 38.45 -12.06 -0.58
C LEU A 119 38.06 -10.91 0.34
N ILE A 120 38.18 -11.11 1.65
CA ILE A 120 38.14 -9.98 2.57
C ILE A 120 39.49 -9.28 2.56
N GLY A 121 39.68 -8.40 1.58
CA GLY A 121 40.95 -7.74 1.35
C GLY A 121 40.82 -6.88 0.12
N THR A 122 41.95 -6.35 -0.37
CA THR A 122 41.93 -5.43 -1.50
C THR A 122 41.86 -6.19 -2.83
N ARG A 123 41.62 -5.47 -3.93
CA ARG A 123 41.64 -6.07 -5.26
C ARG A 123 43.03 -6.63 -5.60
N LYS A 124 44.06 -5.84 -5.32
CA LYS A 124 45.43 -6.26 -5.57
C LYS A 124 45.72 -7.55 -4.81
N GLN A 125 45.34 -7.61 -3.53
CA GLN A 125 45.52 -8.83 -2.75
C GLN A 125 44.72 -9.99 -3.37
N ALA A 126 43.52 -9.70 -3.86
CA ALA A 126 42.64 -10.72 -4.41
C ALA A 126 43.31 -11.43 -5.59
N GLU A 127 44.06 -10.67 -6.38
CA GLU A 127 44.78 -11.24 -7.54
C GLU A 127 45.77 -12.39 -7.21
N ASN A 128 46.18 -12.54 -5.96
CA ASN A 128 47.15 -13.59 -5.59
C ASN A 128 46.52 -14.95 -5.30
N PHE A 129 45.21 -15.04 -5.44
CA PHE A 129 44.49 -16.25 -5.05
C PHE A 129 43.70 -16.79 -6.20
N ALA A 130 43.37 -18.07 -6.09
CA ALA A 130 42.44 -18.72 -6.98
C ALA A 130 41.54 -19.54 -6.09
N TYR A 131 40.29 -19.75 -6.51
CA TYR A 131 39.42 -20.65 -5.78
C TYR A 131 38.76 -21.63 -6.73
N ARG A 132 38.37 -22.76 -6.15
CA ARG A 132 37.68 -23.82 -6.87
C ARG A 132 36.44 -24.24 -6.10
N LEU A 133 35.33 -24.26 -6.81
CA LEU A 133 34.06 -24.74 -6.29
C LEU A 133 33.71 -26.04 -7.00
N GLU A 134 33.35 -27.04 -6.23
CA GLU A 134 33.10 -28.37 -6.75
C GLU A 134 31.73 -28.83 -6.26
N LEU A 135 30.88 -29.28 -7.18
CA LEU A 135 29.64 -30.00 -6.82
C LEU A 135 29.88 -31.45 -7.16
N ASN A 136 29.51 -32.35 -6.25
CA ASN A 136 29.74 -33.79 -6.40
C ASN A 136 28.45 -34.58 -6.27
N GLY A 137 28.28 -35.54 -7.14
CA GLY A 137 27.14 -36.40 -7.11
C GLY A 137 27.52 -37.76 -7.59
N HIS A 138 26.54 -38.61 -7.78
CA HIS A 138 26.77 -39.95 -8.23
C HIS A 138 27.30 -39.97 -9.64
N ARG A 139 28.57 -40.29 -9.72
CA ARG A 139 29.25 -40.48 -10.99
C ARG A 139 29.28 -39.18 -11.80
N ARG A 140 29.24 -38.06 -11.10
CA ARG A 140 29.27 -36.75 -11.75
C ARG A 140 30.09 -35.75 -10.94
N ARG A 141 30.38 -34.60 -11.54
CA ARG A 141 31.15 -33.57 -10.89
C ARG A 141 31.14 -32.31 -11.74
N LEU A 142 30.79 -31.18 -11.13
CA LEU A 142 30.77 -29.89 -11.81
C LEU A 142 31.78 -28.99 -11.09
N THR A 143 32.69 -28.39 -11.84
CA THR A 143 33.77 -27.61 -11.24
C THR A 143 33.92 -26.23 -11.86
N TRP A 144 34.11 -25.23 -11.00
CA TRP A 144 34.35 -23.86 -11.40
C TRP A 144 35.59 -23.33 -10.69
N GLU A 145 36.51 -22.75 -11.46
CA GLU A 145 37.74 -22.19 -10.92
C GLU A 145 37.93 -20.76 -11.40
N ALA A 146 38.36 -19.87 -10.51
CA ALA A 146 38.54 -18.47 -10.95
C ALA A 146 39.30 -17.72 -9.89
N THR A 147 39.52 -16.44 -10.15
CA THR A 147 40.12 -15.53 -9.19
C THR A 147 39.03 -14.94 -8.30
N PRO A 148 39.21 -15.00 -6.98
CA PRO A 148 38.18 -14.43 -6.12
C PRO A 148 38.08 -12.92 -6.30
N ARG A 149 36.88 -12.39 -6.13
CA ARG A 149 36.66 -10.97 -6.16
C ARG A 149 37.08 -10.41 -4.82
N SER A 150 37.66 -9.23 -4.81
CA SER A 150 37.73 -8.46 -3.58
C SER A 150 36.33 -7.99 -3.19
N ILE A 151 36.02 -8.03 -1.90
CA ILE A 151 34.76 -7.44 -1.43
C ILE A 151 34.66 -5.95 -1.77
N HIS A 152 35.81 -5.35 -2.10
CA HIS A 152 35.81 -3.95 -2.55
C HIS A 152 34.99 -3.83 -3.83
N GLU A 153 35.17 -4.80 -4.72
CA GLU A 153 34.42 -4.90 -5.96
C GLU A 153 32.99 -5.44 -5.76
N GLY A 154 32.84 -6.39 -4.83
CA GLY A 154 31.57 -7.05 -4.64
C GLY A 154 31.31 -8.08 -5.73
N ILE A 155 30.12 -8.67 -5.70
CA ILE A 155 29.76 -9.77 -6.60
C ILE A 155 28.54 -9.52 -7.48
N ALA A 156 27.90 -8.35 -7.34
CA ALA A 156 26.70 -8.07 -8.14
C ALA A 156 27.00 -8.13 -9.64
N THR A 157 28.08 -7.51 -10.05
CA THR A 157 28.46 -7.51 -11.47
C THR A 157 28.84 -8.91 -11.97
N ALA A 158 29.63 -9.62 -11.17
CA ALA A 158 30.04 -10.99 -11.52
C ALA A 158 28.83 -11.88 -11.71
N ILE A 159 27.96 -11.89 -10.71
CA ILE A 159 26.75 -12.72 -10.75
C ILE A 159 25.89 -12.34 -11.95
N MET A 160 25.69 -11.04 -12.14
CA MET A 160 24.97 -10.54 -13.32
C MET A 160 25.60 -11.06 -14.64
N ASN A 161 26.93 -11.15 -14.68
CA ASN A 161 27.62 -11.63 -15.89
C ASN A 161 27.85 -13.15 -15.94
N SER A 162 27.21 -13.88 -15.01
CA SER A 162 27.44 -15.32 -14.83
C SER A 162 28.92 -15.66 -14.61
N ASP A 163 29.68 -14.73 -14.06
CA ASP A 163 31.11 -14.94 -13.87
C ASP A 163 31.36 -15.55 -12.51
N CYS A 164 30.88 -16.78 -12.35
CA CYS A 164 30.94 -17.48 -11.08
C CYS A 164 30.36 -18.83 -11.39
N LEU A 165 30.15 -19.65 -10.38
CA LEU A 165 29.51 -20.94 -10.64
C LEU A 165 28.03 -20.75 -10.80
N VAL A 166 27.49 -21.13 -11.95
CA VAL A 166 26.06 -20.91 -12.22
C VAL A 166 25.32 -22.22 -12.52
N PHE A 167 24.23 -22.51 -11.82
CA PHE A 167 23.46 -23.71 -12.14
C PHE A 167 22.01 -23.56 -11.72
N ASP A 168 21.09 -24.30 -12.29
CA ASP A 168 19.70 -24.07 -11.91
C ASP A 168 19.16 -25.25 -11.07
N THR A 169 17.90 -25.12 -10.65
CA THR A 169 17.28 -26.09 -9.72
C THR A 169 17.43 -27.55 -10.14
N SER A 170 17.23 -27.82 -11.42
CA SER A 170 17.31 -29.18 -11.92
C SER A 170 18.73 -29.69 -11.74
N ILE A 171 19.71 -28.85 -12.08
CA ILE A 171 21.11 -29.16 -11.81
C ILE A 171 21.28 -29.44 -10.32
N ALA A 172 20.72 -28.55 -9.49
CA ALA A 172 20.83 -28.69 -8.04
C ALA A 172 20.40 -30.06 -7.51
N GLN A 173 19.33 -30.61 -8.07
CA GLN A 173 18.78 -31.88 -7.59
C GLN A 173 19.71 -33.08 -7.82
N LEU A 174 20.47 -33.02 -8.90
CA LEU A 174 21.49 -34.02 -9.19
C LEU A 174 22.57 -34.12 -8.11
N PHE A 175 22.87 -32.98 -7.50
CA PHE A 175 23.98 -32.89 -6.55
C PHE A 175 23.57 -32.81 -5.10
N ALA A 176 22.27 -32.59 -4.87
CA ALA A 176 21.74 -32.39 -3.53
C ALA A 176 21.47 -33.71 -2.81
N GLU A 177 21.61 -33.67 -1.49
CA GLU A 177 21.18 -34.78 -0.63
C GLU A 177 20.19 -34.16 0.34
N ASN A 178 19.00 -34.77 0.43
CA ASN A 178 17.89 -34.20 1.18
C ASN A 178 17.54 -32.91 0.47
N GLY A 179 17.65 -31.80 1.18
CA GLY A 179 17.39 -30.50 0.58
C GLY A 179 18.66 -29.71 0.72
N ASN A 180 19.77 -30.44 0.88
CA ASN A 180 21.06 -29.83 1.14
C ASN A 180 22.01 -30.04 -0.02
N LEU A 181 22.87 -29.05 -0.25
CA LEU A 181 23.90 -29.02 -1.26
C LEU A 181 25.32 -28.86 -0.67
N GLY A 182 26.16 -29.87 -0.84
CA GLY A 182 27.55 -29.76 -0.48
C GLY A 182 28.39 -29.12 -1.58
N ILE A 183 29.05 -28.01 -1.26
CA ILE A 183 29.95 -27.35 -2.20
C ILE A 183 31.40 -27.47 -1.67
N ASN A 184 32.26 -28.16 -2.39
CA ASN A 184 33.68 -28.19 -2.01
C ASN A 184 34.37 -26.87 -2.40
N VAL A 185 35.00 -26.20 -1.43
CA VAL A 185 35.70 -24.94 -1.71
C VAL A 185 37.19 -25.10 -1.41
N THR A 186 38.03 -24.86 -2.42
CA THR A 186 39.48 -24.98 -2.29
C THR A 186 40.15 -23.68 -2.68
N ILE A 187 40.94 -23.11 -1.78
CA ILE A 187 41.67 -21.88 -2.09
C ILE A 187 43.12 -22.20 -2.37
N SER A 188 43.71 -21.52 -3.34
CA SER A 188 45.14 -21.65 -3.52
C SER A 188 45.78 -20.32 -3.91
N MET A 189 47.11 -20.24 -3.83
CA MET A 189 47.80 -19.04 -4.24
C MET A 189 48.41 -19.17 -5.63
N CYS A 190 48.31 -18.09 -6.38
CA CYS A 190 48.85 -18.00 -7.74
C CYS A 190 50.37 -17.90 -7.80
N SER B 1 -4.29 49.93 -11.18
CA SER B 1 -3.12 50.26 -10.38
C SER B 1 -3.47 50.66 -8.95
N VAL B 2 -4.74 50.96 -8.69
CA VAL B 2 -5.14 51.28 -7.32
C VAL B 2 -5.25 49.98 -6.52
N LEU B 3 -4.73 49.97 -5.30
CA LEU B 3 -4.71 48.73 -4.53
C LEU B 3 -5.54 48.88 -3.29
N PHE B 4 -6.47 47.92 -3.11
CA PHE B 4 -7.41 47.92 -2.00
C PHE B 4 -7.03 46.81 -1.01
N PRO B 5 -7.16 47.09 0.28
CA PRO B 5 -6.95 46.02 1.27
C PRO B 5 -8.01 44.91 1.17
N CYS B 6 -7.65 43.65 1.42
CA CYS B 6 -8.63 42.57 1.54
C CYS B 6 -9.66 42.96 2.60
N LYS B 7 -10.93 42.62 2.38
CA LYS B 7 -11.93 42.97 3.41
C LYS B 7 -11.68 42.28 4.75
N TYR B 8 -10.89 41.20 4.78
CA TYR B 8 -10.58 40.57 6.07
C TYR B 8 -9.27 41.09 6.66
N ALA B 9 -8.81 42.27 6.22
CA ALA B 9 -7.67 42.90 6.86
C ALA B 9 -7.93 43.08 8.35
N SER B 10 -9.18 43.40 8.68
CA SER B 10 -9.60 43.58 10.07
C SER B 10 -9.38 42.33 10.89
N SER B 11 -9.37 41.17 10.25
CA SER B 11 -9.08 39.91 10.95
C SER B 11 -7.61 39.48 10.87
N GLY B 12 -6.82 40.24 10.11
CA GLY B 12 -5.38 40.03 10.01
C GLY B 12 -4.84 39.71 8.62
N CYS B 13 -5.65 39.88 7.58
CA CYS B 13 -5.13 39.67 6.24
C CYS B 13 -4.34 40.90 5.76
N GLU B 14 -3.14 40.68 5.25
CA GLU B 14 -2.28 41.81 4.88
C GLU B 14 -2.19 42.03 3.36
N ILE B 15 -2.99 41.30 2.61
CA ILE B 15 -2.94 41.40 1.15
C ILE B 15 -3.68 42.64 0.64
N THR B 16 -3.12 43.29 -0.38
CA THR B 16 -3.76 44.40 -1.10
C THR B 16 -3.78 44.04 -2.57
N LEU B 17 -4.89 44.31 -3.24
CA LEU B 17 -5.07 43.88 -4.62
C LEU B 17 -5.75 44.91 -5.50
N PRO B 18 -5.53 44.82 -6.83
CA PRO B 18 -6.33 45.64 -7.73
C PRO B 18 -7.78 45.19 -7.66
N HIS B 19 -8.70 46.12 -7.90
CA HIS B 19 -10.13 45.89 -7.73
C HIS B 19 -10.62 44.63 -8.45
N THR B 20 -10.01 44.32 -9.58
CA THR B 20 -10.37 43.15 -10.40
C THR B 20 -10.16 41.80 -9.70
N GLU B 21 -9.22 41.75 -8.77
CA GLU B 21 -8.78 40.47 -8.17
C GLU B 21 -9.31 40.26 -6.74
N LYS B 22 -9.90 41.32 -6.20
CA LYS B 22 -10.27 41.39 -4.79
C LYS B 22 -11.29 40.32 -4.36
N ALA B 23 -12.37 40.16 -5.13
CA ALA B 23 -13.39 39.16 -4.76
C ALA B 23 -12.81 37.77 -4.85
N ASP B 24 -11.96 37.56 -5.85
CA ASP B 24 -11.34 36.25 -6.07
C ASP B 24 -10.51 35.88 -4.88
N HIS B 25 -9.74 36.84 -4.40
CA HIS B 25 -8.94 36.57 -3.22
C HIS B 25 -9.82 36.35 -1.99
N GLU B 26 -10.84 37.20 -1.82
CA GLU B 26 -11.64 37.12 -0.60
C GLU B 26 -12.44 35.82 -0.47
N GLU B 27 -12.77 35.18 -1.59
CA GLU B 27 -13.37 33.85 -1.51
C GLU B 27 -12.39 32.81 -0.96
N LEU B 28 -11.11 32.96 -1.27
CA LEU B 28 -10.08 32.01 -0.88
C LEU B 28 -9.32 32.31 0.42
N CYS B 29 -9.52 33.50 0.94
CA CYS B 29 -8.68 34.02 2.03
C CYS B 29 -8.73 33.16 3.30
N GLU B 30 -7.56 32.86 3.88
CA GLU B 30 -7.49 32.09 5.11
C GLU B 30 -8.24 32.76 6.28
N PHE B 31 -8.40 34.08 6.21
CA PHE B 31 -9.06 34.84 7.27
C PHE B 31 -10.57 35.00 7.10
N ARG B 32 -11.11 34.50 5.99
CA ARG B 32 -12.56 34.45 5.81
C ARG B 32 -13.18 33.58 6.92
N PRO B 33 -14.32 34.00 7.49
CA PRO B 33 -15.00 33.20 8.52
C PRO B 33 -15.42 31.81 8.04
N TYR B 34 -15.31 30.84 8.94
CA TYR B 34 -15.79 29.48 8.69
C TYR B 34 -17.27 29.36 8.97
N SER B 35 -18.02 28.71 8.08
CA SER B 35 -19.44 28.46 8.34
C SER B 35 -19.63 27.11 9.02
N CYS B 36 -20.72 26.95 9.77
CA CYS B 36 -21.00 25.67 10.42
C CYS B 36 -21.01 24.60 9.35
N PRO B 37 -20.23 23.52 9.56
CA PRO B 37 -20.10 22.48 8.53
C PRO B 37 -21.23 21.44 8.51
N CYS B 38 -22.19 21.58 9.42
CA CYS B 38 -23.36 20.70 9.43
C CYS B 38 -24.24 20.92 8.20
N PRO B 39 -24.83 19.83 7.67
CA PRO B 39 -25.73 19.90 6.51
C PRO B 39 -27.03 20.61 6.86
N GLY B 40 -27.74 21.11 5.84
CA GLY B 40 -29.05 21.74 6.00
C GLY B 40 -29.06 23.24 6.27
N ALA B 41 -30.25 23.84 6.32
CA ALA B 41 -30.30 25.29 6.42
C ALA B 41 -30.63 25.86 7.80
N SER B 42 -30.67 25.04 8.84
CA SER B 42 -31.02 25.53 10.19
C SER B 42 -29.93 26.39 10.88
N CYS B 43 -28.68 25.95 10.86
CA CYS B 43 -27.66 26.68 11.62
C CYS B 43 -26.84 27.65 10.77
N LYS B 44 -26.81 28.91 11.19
CA LYS B 44 -26.13 29.98 10.45
C LYS B 44 -24.93 30.58 11.18
N TRP B 45 -24.38 29.83 12.11
CA TRP B 45 -23.18 30.23 12.85
C TRP B 45 -21.95 30.37 11.94
N GLN B 46 -21.06 31.26 12.35
CA GLN B 46 -19.78 31.53 11.72
C GLN B 46 -18.76 31.90 12.80
N GLY B 47 -17.50 31.63 12.55
CA GLY B 47 -16.42 31.95 13.47
C GLY B 47 -15.10 31.49 12.85
N SER B 48 -14.01 31.62 13.60
CA SER B 48 -12.70 31.16 13.12
C SER B 48 -12.59 29.64 13.19
N LEU B 49 -11.54 29.09 12.58
CA LEU B 49 -11.36 27.64 12.53
C LEU B 49 -11.37 27.03 13.94
N ASP B 50 -10.66 27.65 14.87
CA ASP B 50 -10.54 27.19 16.26
C ASP B 50 -11.85 27.17 17.03
N ALA B 51 -12.84 27.90 16.56
CA ALA B 51 -14.12 27.90 17.24
C ALA B 51 -15.04 26.79 16.75
N VAL B 52 -14.64 26.11 15.67
CA VAL B 52 -15.52 25.12 15.07
C VAL B 52 -15.81 23.93 16.01
N MET B 53 -14.79 23.27 16.51
CA MET B 53 -15.03 22.12 17.38
C MET B 53 -15.85 22.49 18.64
N PRO B 54 -15.52 23.62 19.31
CA PRO B 54 -16.39 23.98 20.43
C PRO B 54 -17.83 24.21 19.95
N HIS B 55 -18.01 24.90 18.82
CA HIS B 55 -19.34 25.11 18.27
C HIS B 55 -20.08 23.76 18.12
N LEU B 56 -19.46 22.80 17.44
CA LEU B 56 -20.09 21.50 17.24
C LEU B 56 -20.45 20.80 18.55
N MET B 57 -19.57 20.93 19.55
CA MET B 57 -19.75 20.25 20.83
C MET B 57 -20.87 20.89 21.65
N HIS B 58 -21.02 22.20 21.50
CA HIS B 58 -21.99 22.96 22.30
C HIS B 58 -23.38 23.03 21.66
N GLN B 59 -23.41 23.16 20.34
CA GLN B 59 -24.67 23.44 19.65
C GLN B 59 -25.16 22.22 18.89
N HIS B 60 -24.28 21.25 18.68
CA HIS B 60 -24.69 20.07 17.95
C HIS B 60 -24.35 18.81 18.74
N LYS B 61 -24.83 18.76 19.98
CA LYS B 61 -24.48 17.69 20.92
C LYS B 61 -24.83 16.29 20.41
N SER B 62 -25.83 16.17 19.53
CA SER B 62 -26.28 14.86 19.05
C SER B 62 -25.28 14.26 18.07
N ILE B 63 -24.37 15.08 17.57
CA ILE B 63 -23.37 14.60 16.63
C ILE B 63 -22.34 13.73 17.34
N THR B 64 -22.35 12.45 17.01
CA THR B 64 -21.48 11.45 17.64
C THR B 64 -20.12 11.33 16.95
N THR B 65 -19.07 11.11 17.73
CA THR B 65 -17.73 10.93 17.18
C THR B 65 -17.23 9.48 17.30
N LEU B 66 -16.60 8.99 16.24
CA LEU B 66 -15.87 7.73 16.30
C LEU B 66 -14.38 7.92 16.03
N GLN B 67 -13.57 7.31 16.87
CA GLN B 67 -12.13 7.22 16.67
C GLN B 67 -11.76 6.06 15.76
N GLY B 68 -10.89 6.32 14.79
CA GLY B 68 -10.37 5.27 13.93
C GLY B 68 -10.32 5.71 12.48
N GLU B 69 -9.44 5.09 11.69
CA GLU B 69 -9.29 5.47 10.29
C GLU B 69 -10.32 4.76 9.41
N ASP B 70 -10.95 3.73 9.97
CA ASP B 70 -11.79 2.84 9.19
C ASP B 70 -13.02 2.49 10.00
N ILE B 71 -14.16 3.10 9.66
CA ILE B 71 -15.37 2.95 10.45
C ILE B 71 -16.62 2.66 9.61
N VAL B 72 -17.69 2.28 10.28
CA VAL B 72 -18.96 2.13 9.61
C VAL B 72 -19.90 3.23 10.11
N PHE B 73 -20.37 4.01 9.16
CA PHE B 73 -21.33 5.11 9.31
C PHE B 73 -22.72 4.53 9.03
N LEU B 74 -23.48 4.19 10.06
CA LEU B 74 -24.77 3.56 9.82
C LEU B 74 -25.91 4.57 9.90
N ALA B 75 -26.37 4.98 8.72
CA ALA B 75 -27.45 5.95 8.59
C ALA B 75 -28.80 5.26 8.76
N THR B 76 -29.55 5.63 9.79
CA THR B 76 -30.83 4.96 10.02
C THR B 76 -31.99 5.66 9.32
N ASP B 77 -33.04 4.92 9.04
CA ASP B 77 -34.27 5.46 8.48
C ASP B 77 -34.08 6.23 7.19
N ILE B 78 -33.41 5.63 6.23
CA ILE B 78 -33.06 6.32 5.02
C ILE B 78 -34.26 6.57 4.19
N ASN B 79 -35.34 5.88 4.51
CA ASN B 79 -36.57 6.03 3.77
C ASN B 79 -37.62 7.05 4.24
N LEU B 80 -37.40 7.73 5.35
CA LEU B 80 -38.38 8.66 5.97
C LEU B 80 -38.24 9.99 5.16
N PRO B 81 -38.88 11.10 5.51
CA PRO B 81 -39.87 12.15 5.25
C PRO B 81 -38.95 12.47 4.07
N GLY B 82 -39.40 13.31 3.14
CA GLY B 82 -38.59 13.60 1.99
C GLY B 82 -37.26 14.22 1.69
N ALA B 83 -36.66 14.80 2.70
CA ALA B 83 -35.32 15.35 2.66
C ALA B 83 -34.82 15.13 4.07
N VAL B 84 -33.65 14.54 4.21
CA VAL B 84 -32.97 14.54 5.48
C VAL B 84 -31.46 14.63 5.41
N ASP B 85 -30.87 14.60 6.59
CA ASP B 85 -29.48 14.84 6.83
C ASP B 85 -29.01 13.77 7.80
N TRP B 86 -27.81 13.27 7.60
CA TRP B 86 -27.14 12.47 8.60
C TRP B 86 -25.74 13.04 8.72
N VAL B 87 -25.20 13.09 9.93
CA VAL B 87 -23.89 13.65 10.10
C VAL B 87 -23.20 13.00 11.28
N MET B 88 -21.91 12.69 11.12
CA MET B 88 -21.10 12.25 12.27
C MET B 88 -19.69 12.73 12.12
N MET B 89 -18.88 12.57 13.16
CA MET B 89 -17.48 12.94 13.06
C MET B 89 -16.58 11.72 13.24
N GLN B 90 -15.47 11.74 12.53
CA GLN B 90 -14.49 10.70 12.59
C GLN B 90 -13.14 11.27 13.02
N SER B 91 -12.58 10.71 14.09
CA SER B 91 -11.33 11.23 14.62
C SER B 91 -10.17 10.31 14.27
N CYS B 92 -9.19 10.84 13.54
CA CYS B 92 -7.99 10.09 13.19
C CYS B 92 -6.87 11.02 12.68
N PHE B 93 -5.62 10.55 12.88
CA PHE B 93 -4.42 11.26 12.45
C PHE B 93 -4.34 12.63 13.12
N GLY B 94 -4.96 12.77 14.28
CA GLY B 94 -4.84 14.02 15.00
C GLY B 94 -5.81 15.04 14.45
N PHE B 95 -6.76 14.57 13.65
CA PHE B 95 -7.78 15.44 13.05
C PHE B 95 -9.22 14.94 13.21
N HIS B 96 -10.15 15.82 12.92
CA HIS B 96 -11.55 15.43 12.88
C HIS B 96 -12.06 15.65 11.47
N PHE B 97 -12.82 14.67 10.98
CA PHE B 97 -13.42 14.72 9.66
C PHE B 97 -14.93 14.65 9.84
N MET B 98 -15.67 15.47 9.11
CA MET B 98 -17.11 15.38 9.19
C MET B 98 -17.67 14.57 8.03
N LEU B 99 -18.48 13.60 8.41
CA LEU B 99 -19.08 12.69 7.48
C LEU B 99 -20.53 13.17 7.28
N VAL B 100 -20.93 13.41 6.02
CA VAL B 100 -22.29 13.91 5.76
C VAL B 100 -23.00 13.04 4.73
N LEU B 101 -24.26 12.66 5.02
CA LEU B 101 -25.16 12.05 4.06
C LEU B 101 -26.37 13.00 3.87
N GLU B 102 -26.69 13.36 2.64
CA GLU B 102 -27.79 14.30 2.39
C GLU B 102 -28.77 13.74 1.37
N LYS B 103 -30.06 13.78 1.74
CA LYS B 103 -31.11 13.28 0.88
C LYS B 103 -31.85 14.45 0.28
N GLN B 104 -31.93 14.46 -1.05
CA GLN B 104 -32.62 15.47 -1.78
C GLN B 104 -33.69 14.74 -2.56
N GLU B 105 -34.75 15.51 -2.80
CA GLU B 105 -35.86 15.28 -3.70
C GLU B 105 -35.48 15.45 -5.16
N LYS B 106 -35.53 14.36 -5.92
CA LYS B 106 -35.32 14.50 -7.35
C LYS B 106 -36.64 14.45 -8.20
N TYR B 107 -37.49 13.41 -8.10
CA TYR B 107 -38.77 13.33 -8.86
C TYR B 107 -39.81 12.81 -7.91
N ASP B 108 -40.92 12.37 -8.48
CA ASP B 108 -42.10 11.92 -7.71
C ASP B 108 -41.83 11.09 -6.44
N GLY B 109 -41.29 9.89 -6.62
CA GLY B 109 -40.87 9.05 -5.52
C GLY B 109 -39.42 8.70 -5.70
N HIS B 110 -38.75 9.46 -6.55
CA HIS B 110 -37.35 9.25 -6.81
C HIS B 110 -36.55 10.35 -6.10
N GLN B 111 -35.85 9.95 -5.06
CA GLN B 111 -35.04 10.87 -4.29
C GLN B 111 -33.54 10.49 -4.54
N GLN B 112 -32.64 11.44 -4.39
CA GLN B 112 -31.20 11.19 -4.54
C GLN B 112 -30.38 11.57 -3.29
N PHE B 113 -29.32 10.78 -3.06
CA PHE B 113 -28.38 10.84 -1.94
C PHE B 113 -26.96 11.31 -2.33
N PHE B 114 -26.39 12.14 -1.48
CA PHE B 114 -25.02 12.64 -1.65
C PHE B 114 -24.27 12.37 -0.37
N ALA B 115 -23.10 11.74 -0.47
CA ALA B 115 -22.31 11.47 0.72
C ALA B 115 -20.89 11.99 0.51
N ILE B 116 -20.36 12.68 1.53
CA ILE B 116 -19.11 13.41 1.34
C ILE B 116 -18.42 13.59 2.67
N VAL B 117 -17.10 13.73 2.62
CA VAL B 117 -16.29 13.91 3.83
C VAL B 117 -15.58 15.24 3.76
N GLN B 118 -15.53 15.96 4.88
CA GLN B 118 -14.79 17.21 4.98
C GLN B 118 -13.75 17.16 6.08
N LEU B 119 -12.63 17.85 5.89
CA LEU B 119 -11.68 17.98 6.97
C LEU B 119 -12.00 19.22 7.80
N ILE B 120 -12.06 19.06 9.11
CA ILE B 120 -12.11 20.23 9.98
C ILE B 120 -10.72 20.83 10.01
N GLY B 121 -10.42 21.68 9.04
CA GLY B 121 -9.10 22.27 8.91
C GLY B 121 -9.05 23.10 7.65
N THR B 122 -7.85 23.56 7.29
CA THR B 122 -7.65 24.44 6.14
C THR B 122 -7.62 23.63 4.86
N ARG B 123 -7.67 24.29 3.71
CA ARG B 123 -7.56 23.59 2.42
C ARG B 123 -6.19 22.89 2.25
N LYS B 124 -5.15 23.59 2.67
CA LYS B 124 -3.80 23.06 2.61
C LYS B 124 -3.70 21.74 3.36
N GLN B 125 -4.24 21.73 4.58
CA GLN B 125 -4.24 20.52 5.40
C GLN B 125 -5.04 19.41 4.70
N ALA B 126 -6.13 19.78 4.03
CA ALA B 126 -6.99 18.81 3.37
C ALA B 126 -6.31 18.05 2.26
N GLU B 127 -5.44 18.73 1.52
CA GLU B 127 -4.69 18.06 0.44
C GLU B 127 -3.86 16.86 0.91
N ASN B 128 -3.59 16.77 2.21
CA ASN B 128 -2.75 15.67 2.69
C ASN B 128 -3.52 14.37 2.96
N PHE B 129 -4.84 14.37 2.73
CA PHE B 129 -5.68 13.22 3.06
C PHE B 129 -6.46 12.72 1.86
N ALA B 130 -6.88 11.47 1.95
CA ALA B 130 -7.82 10.85 1.01
C ALA B 130 -8.92 10.16 1.81
N TYR B 131 -10.12 10.07 1.26
CA TYR B 131 -11.13 9.26 1.91
C TYR B 131 -11.79 8.34 0.87
N ARG B 132 -12.37 7.27 1.40
CA ARG B 132 -13.05 6.27 0.62
C ARG B 132 -14.41 5.98 1.28
N LEU B 133 -15.47 6.06 0.47
CA LEU B 133 -16.82 5.71 0.91
C LEU B 133 -17.24 4.44 0.20
N GLU B 134 -17.77 3.49 0.96
CA GLU B 134 -18.07 2.21 0.38
C GLU B 134 -19.47 1.75 0.77
N LEU B 135 -20.29 1.41 -0.22
CA LEU B 135 -21.57 0.74 0.05
C LEU B 135 -21.39 -0.73 -0.28
N ASN B 136 -21.80 -1.62 0.62
CA ASN B 136 -21.58 -3.04 0.44
C ASN B 136 -22.87 -3.83 0.53
N GLY B 137 -23.00 -4.79 -0.35
CA GLY B 137 -24.14 -5.69 -0.30
C GLY B 137 -23.68 -6.99 -0.92
N HIS B 138 -24.53 -7.99 -0.82
CA HIS B 138 -24.23 -9.31 -1.35
C HIS B 138 -23.86 -9.29 -2.82
N ARG B 139 -22.55 -9.42 -3.07
CA ARG B 139 -21.96 -9.51 -4.40
C ARG B 139 -22.13 -8.16 -5.10
N ARG B 140 -22.21 -7.10 -4.29
CA ARG B 140 -22.20 -5.73 -4.79
C ARG B 140 -21.29 -4.85 -3.97
N ARG B 141 -20.62 -3.91 -4.63
CA ARG B 141 -19.87 -2.89 -3.92
C ARG B 141 -19.80 -1.62 -4.75
N LEU B 142 -20.14 -0.48 -4.14
CA LEU B 142 -20.05 0.82 -4.81
C LEU B 142 -19.09 1.67 -4.02
N THR B 143 -18.08 2.22 -4.69
CA THR B 143 -16.98 2.90 -4.01
C THR B 143 -16.74 4.26 -4.61
N TRP B 144 -16.51 5.24 -3.74
CA TRP B 144 -16.10 6.59 -4.15
C TRP B 144 -14.83 6.98 -3.41
N GLU B 145 -13.82 7.44 -4.15
CA GLU B 145 -12.57 7.86 -3.52
C GLU B 145 -12.16 9.25 -3.98
N ALA B 146 -11.74 10.09 -3.03
CA ALA B 146 -11.39 11.46 -3.38
C ALA B 146 -10.65 12.17 -2.26
N THR B 147 -10.28 13.42 -2.53
CA THR B 147 -9.67 14.30 -1.51
C THR B 147 -10.78 14.99 -0.74
N PRO B 148 -10.74 14.92 0.61
CA PRO B 148 -11.80 15.62 1.33
C PRO B 148 -11.67 17.12 1.17
N ARG B 149 -12.81 17.81 1.12
CA ARG B 149 -12.77 19.25 1.10
C ARG B 149 -12.56 19.79 2.52
N SER B 150 -11.83 20.89 2.59
CA SER B 150 -11.77 21.69 3.81
C SER B 150 -13.15 22.25 4.07
N ILE B 151 -13.56 22.29 5.34
CA ILE B 151 -14.82 22.96 5.72
C ILE B 151 -14.79 24.44 5.34
N HIS B 152 -13.61 24.95 5.05
CA HIS B 152 -13.51 26.32 4.58
C HIS B 152 -14.21 26.50 3.24
N GLU B 153 -14.02 25.51 2.37
CA GLU B 153 -14.66 25.53 1.05
C GLU B 153 -16.13 25.17 1.22
N GLY B 154 -16.42 24.30 2.18
CA GLY B 154 -17.77 23.79 2.36
C GLY B 154 -18.08 22.72 1.34
N ILE B 155 -19.33 22.23 1.33
CA ILE B 155 -19.68 21.11 0.46
C ILE B 155 -20.78 21.39 -0.55
N ALA B 156 -21.35 22.59 -0.46
CA ALA B 156 -22.43 22.99 -1.35
C ALA B 156 -21.99 22.93 -2.81
N THR B 157 -20.80 23.46 -3.10
CA THR B 157 -20.31 23.47 -4.46
C THR B 157 -20.04 22.04 -4.95
N ALA B 158 -19.41 21.23 -4.12
CA ALA B 158 -19.17 19.82 -4.47
C ALA B 158 -20.47 19.05 -4.77
N ILE B 159 -21.43 19.12 -3.84
CA ILE B 159 -22.72 18.46 -3.96
C ILE B 159 -23.44 18.94 -5.22
N MET B 160 -23.43 20.26 -5.41
CA MET B 160 -23.97 20.89 -6.61
C MET B 160 -23.32 20.30 -7.87
N ASN B 161 -22.02 19.99 -7.81
CA ASN B 161 -21.30 19.43 -8.95
C ASN B 161 -21.24 17.90 -8.98
N SER B 162 -21.97 17.23 -8.10
CA SER B 162 -21.89 15.78 -7.91
C SER B 162 -20.45 15.32 -7.63
N ASP B 163 -19.65 16.17 -7.00
CA ASP B 163 -18.27 15.78 -6.74
C ASP B 163 -18.18 15.10 -5.38
N CYS B 164 -18.80 13.94 -5.29
CA CYS B 164 -18.89 13.16 -4.06
C CYS B 164 -19.52 11.86 -4.44
N LEU B 165 -19.85 11.03 -3.45
CA LEU B 165 -20.57 9.80 -3.77
C LEU B 165 -22.05 10.13 -4.00
N VAL B 166 -22.57 9.81 -5.17
CA VAL B 166 -23.95 10.15 -5.51
C VAL B 166 -24.71 8.88 -5.85
N PHE B 167 -25.85 8.66 -5.20
CA PHE B 167 -26.69 7.49 -5.52
C PHE B 167 -28.15 7.75 -5.21
N ASP B 168 -29.07 7.03 -5.82
CA ASP B 168 -30.49 7.33 -5.62
C ASP B 168 -31.26 6.25 -4.84
N THR B 169 -32.57 6.44 -4.69
CA THR B 169 -33.40 5.50 -3.90
C THR B 169 -33.21 4.03 -4.30
N SER B 170 -33.16 3.77 -5.61
CA SER B 170 -33.07 2.39 -6.08
C SER B 170 -31.78 1.73 -5.58
N ILE B 171 -30.67 2.47 -5.74
CA ILE B 171 -29.36 2.01 -5.30
C ILE B 171 -29.36 1.74 -3.79
N ALA B 172 -29.86 2.73 -3.04
CA ALA B 172 -29.96 2.58 -1.59
C ALA B 172 -30.71 1.29 -1.24
N GLN B 173 -31.79 1.02 -1.99
CA GLN B 173 -32.61 -0.15 -1.75
C GLN B 173 -31.81 -1.42 -2.03
N LEU B 174 -30.93 -1.39 -3.02
CA LEU B 174 -29.99 -2.51 -3.21
C LEU B 174 -29.10 -2.71 -1.99
N PHE B 175 -28.74 -1.62 -1.32
CA PHE B 175 -27.78 -1.73 -0.22
C PHE B 175 -28.35 -1.64 1.19
N ALA B 176 -29.62 -1.26 1.34
CA ALA B 176 -30.17 -1.06 2.68
C ALA B 176 -30.57 -2.38 3.36
N GLU B 177 -30.41 -2.41 4.67
CA GLU B 177 -30.92 -3.48 5.51
C GLU B 177 -31.81 -2.89 6.60
N ASN B 178 -33.05 -3.33 6.69
CA ASN B 178 -34.00 -2.87 7.72
C ASN B 178 -34.19 -1.35 7.70
N GLY B 179 -34.18 -0.77 6.51
CA GLY B 179 -34.30 0.67 6.34
C GLY B 179 -33.10 1.49 6.80
N ASN B 180 -31.96 0.83 7.00
CA ASN B 180 -30.71 1.48 7.39
C ASN B 180 -29.66 1.32 6.30
N LEU B 181 -28.78 2.32 6.13
CA LEU B 181 -27.70 2.21 5.15
C LEU B 181 -26.34 2.30 5.83
N GLY B 182 -25.58 1.20 5.78
CA GLY B 182 -24.22 1.20 6.29
C GLY B 182 -23.22 1.72 5.27
N ILE B 183 -22.49 2.76 5.63
CA ILE B 183 -21.47 3.32 4.76
C ILE B 183 -20.07 3.09 5.38
N ASN B 184 -19.22 2.31 4.72
CA ASN B 184 -17.83 2.18 5.18
C ASN B 184 -17.02 3.42 4.84
N VAL B 185 -16.43 4.05 5.86
CA VAL B 185 -15.62 5.24 5.63
C VAL B 185 -14.16 4.99 6.03
N THR B 186 -13.25 5.14 5.07
CA THR B 186 -11.83 4.93 5.32
C THR B 186 -11.07 6.20 4.98
N ILE B 187 -10.38 6.75 5.97
CA ILE B 187 -9.59 7.95 5.76
C ILE B 187 -8.14 7.52 5.71
N SER B 188 -7.35 8.10 4.81
CA SER B 188 -5.91 7.83 4.81
C SER B 188 -5.10 9.09 4.54
N MET B 189 -3.79 8.98 4.73
CA MET B 189 -2.84 10.04 4.42
C MET B 189 -2.11 9.72 3.12
N CYS B 190 -1.84 10.73 2.30
CA CYS B 190 -1.12 10.49 1.05
C CYS B 190 0.02 11.50 0.84
N SER C 1 15.37 -7.25 -19.05
CA SER C 1 14.12 -6.60 -19.44
C SER C 1 12.89 -7.47 -19.15
N VAL C 2 13.13 -8.59 -18.48
CA VAL C 2 12.09 -9.47 -17.95
C VAL C 2 11.57 -8.92 -16.61
N LEU C 3 10.26 -9.01 -16.38
CA LEU C 3 9.65 -8.41 -15.20
C LEU C 3 9.10 -9.46 -14.22
N PHE C 4 9.46 -9.30 -12.95
CA PHE C 4 9.00 -10.18 -11.89
C PHE C 4 8.05 -9.39 -11.00
N PRO C 5 6.97 -10.02 -10.54
CA PRO C 5 6.07 -9.37 -9.57
C PRO C 5 6.77 -9.15 -8.24
N CYS C 6 6.41 -8.08 -7.53
CA CYS C 6 6.91 -7.87 -6.20
C CYS C 6 6.57 -9.09 -5.36
N LYS C 7 7.45 -9.54 -4.47
CA LYS C 7 7.12 -10.70 -3.65
C LYS C 7 5.88 -10.50 -2.77
N TYR C 8 5.51 -9.25 -2.49
CA TYR C 8 4.32 -8.96 -1.71
C TYR C 8 3.11 -8.67 -2.59
N ALA C 9 3.16 -9.17 -3.82
CA ALA C 9 2.01 -9.11 -4.73
C ALA C 9 0.76 -9.70 -4.09
N SER C 10 0.94 -10.80 -3.37
CA SER C 10 -0.15 -11.45 -2.64
C SER C 10 -0.79 -10.53 -1.59
N SER C 11 -0.02 -9.56 -1.10
CA SER C 11 -0.53 -8.59 -0.14
C SER C 11 -1.06 -7.36 -0.88
N GLY C 12 -0.89 -7.36 -2.20
CA GLY C 12 -1.48 -6.34 -3.03
C GLY C 12 -0.57 -5.40 -3.79
N CYS C 13 0.73 -5.70 -3.83
CA CYS C 13 1.62 -4.86 -4.62
C CYS C 13 1.43 -5.25 -6.09
N GLU C 14 1.48 -4.26 -6.97
CA GLU C 14 1.12 -4.53 -8.36
C GLU C 14 2.29 -4.18 -9.28
N ILE C 15 3.43 -3.87 -8.67
CA ILE C 15 4.61 -3.46 -9.42
C ILE C 15 5.33 -4.67 -9.99
N THR C 16 5.85 -4.53 -11.21
CA THR C 16 6.66 -5.55 -11.82
C THR C 16 7.99 -4.88 -12.19
N LEU C 17 9.10 -5.53 -11.87
CA LEU C 17 10.40 -4.91 -12.01
C LEU C 17 11.42 -5.88 -12.58
N PRO C 18 12.48 -5.34 -13.20
CA PRO C 18 13.61 -6.22 -13.53
C PRO C 18 14.25 -6.73 -12.26
N HIS C 19 14.82 -7.93 -12.33
CA HIS C 19 15.41 -8.62 -11.20
C HIS C 19 16.43 -7.72 -10.46
N THR C 20 17.08 -6.82 -11.20
CA THR C 20 18.05 -5.89 -10.61
C THR C 20 17.43 -4.98 -9.57
N GLU C 21 16.13 -4.72 -9.72
CA GLU C 21 15.45 -3.71 -8.91
C GLU C 21 14.53 -4.31 -7.84
N LYS C 22 14.28 -5.60 -7.94
CA LYS C 22 13.26 -6.27 -7.14
C LYS C 22 13.53 -6.21 -5.64
N ALA C 23 14.75 -6.57 -5.22
CA ALA C 23 15.10 -6.60 -3.79
C ALA C 23 15.11 -5.22 -3.16
N ASP C 24 15.58 -4.24 -3.93
CA ASP C 24 15.58 -2.85 -3.50
C ASP C 24 14.13 -2.36 -3.36
N HIS C 25 13.25 -2.74 -4.28
CA HIS C 25 11.85 -2.35 -4.13
C HIS C 25 11.23 -2.98 -2.87
N GLU C 26 11.52 -4.26 -2.66
CA GLU C 26 10.96 -5.04 -1.57
C GLU C 26 11.42 -4.61 -0.19
N GLU C 27 12.61 -3.99 -0.10
CA GLU C 27 13.03 -3.39 1.17
C GLU C 27 12.14 -2.20 1.55
N LEU C 28 11.66 -1.47 0.53
CA LEU C 28 10.87 -0.24 0.74
C LEU C 28 9.35 -0.41 0.61
N CYS C 29 8.89 -1.54 0.09
CA CYS C 29 7.49 -1.67 -0.29
C CYS C 29 6.44 -1.50 0.80
N GLU C 30 5.48 -0.62 0.55
CA GLU C 30 4.40 -0.35 1.52
C GLU C 30 3.53 -1.57 1.83
N PHE C 31 3.53 -2.55 0.93
CA PHE C 31 2.72 -3.75 1.13
C PHE C 31 3.47 -4.81 1.91
N ARG C 32 4.73 -4.55 2.21
CA ARG C 32 5.49 -5.44 3.08
C ARG C 32 4.81 -5.53 4.45
N PRO C 33 4.67 -6.74 4.98
CA PRO C 33 4.09 -6.96 6.31
C PRO C 33 4.91 -6.26 7.39
N TYR C 34 4.24 -5.74 8.41
CA TYR C 34 4.96 -5.18 9.54
C TYR C 34 5.37 -6.30 10.49
N SER C 35 6.61 -6.23 10.96
CA SER C 35 7.09 -7.16 11.97
C SER C 35 6.78 -6.59 13.34
N CYS C 36 6.73 -7.46 14.33
CA CYS C 36 6.49 -7.00 15.69
C CYS C 36 7.54 -5.99 16.06
N PRO C 37 7.09 -4.81 16.47
CA PRO C 37 8.05 -3.75 16.74
C PRO C 37 8.64 -3.84 18.14
N CYS C 38 8.23 -4.81 18.95
CA CYS C 38 8.77 -4.96 20.30
C CYS C 38 10.22 -5.42 20.27
N PRO C 39 11.09 -4.76 21.06
CA PRO C 39 12.50 -5.17 21.03
C PRO C 39 12.79 -6.47 21.79
N GLY C 40 13.76 -7.23 21.31
CA GLY C 40 14.32 -8.35 22.07
C GLY C 40 13.51 -9.62 22.20
N ALA C 41 12.27 -9.55 21.75
CA ALA C 41 11.34 -10.67 21.90
C ALA C 41 11.29 -11.39 20.58
N SER C 42 11.38 -12.71 20.64
CA SER C 42 11.33 -13.50 19.42
C SER C 42 9.88 -13.87 19.22
N CYS C 43 9.15 -12.91 18.65
CA CYS C 43 7.70 -12.96 18.58
C CYS C 43 7.37 -13.80 17.36
N LYS C 44 7.97 -13.45 16.23
CA LYS C 44 7.61 -13.92 14.88
C LYS C 44 6.24 -13.49 14.39
N TRP C 45 5.60 -12.54 15.09
CA TRP C 45 4.31 -12.05 14.62
C TRP C 45 4.53 -11.17 13.40
N GLN C 46 3.56 -11.22 12.49
CA GLN C 46 3.56 -10.37 11.31
C GLN C 46 2.14 -9.99 10.99
N GLY C 47 1.98 -8.81 10.40
CA GLY C 47 0.66 -8.35 10.02
C GLY C 47 0.72 -6.99 9.35
N SER C 48 -0.46 -6.49 9.01
CA SER C 48 -0.58 -5.17 8.42
C SER C 48 -0.46 -4.10 9.47
N LEU C 49 -0.28 -2.86 9.03
CA LEU C 49 -0.06 -1.74 9.92
C LEU C 49 -1.18 -1.61 10.96
N ASP C 50 -2.42 -1.66 10.50
CA ASP C 50 -3.58 -1.52 11.39
C ASP C 50 -3.69 -2.66 12.41
N ALA C 51 -2.96 -3.76 12.20
CA ALA C 51 -2.94 -4.85 13.16
C ALA C 51 -1.84 -4.70 14.25
N VAL C 52 -0.95 -3.72 14.12
CA VAL C 52 0.15 -3.61 15.08
C VAL C 52 -0.35 -3.25 16.49
N MET C 53 -1.10 -2.16 16.62
CA MET C 53 -1.60 -1.77 17.93
C MET C 53 -2.44 -2.86 18.61
N PRO C 54 -3.38 -3.54 17.87
CA PRO C 54 -4.07 -4.62 18.58
C PRO C 54 -3.13 -5.69 19.11
N HIS C 55 -2.20 -6.11 18.26
CA HIS C 55 -1.22 -7.12 18.63
C HIS C 55 -0.44 -6.72 19.88
N LEU C 56 0.14 -5.53 19.87
CA LEU C 56 0.89 -5.03 21.03
C LEU C 56 0.00 -5.01 22.27
N MET C 57 -1.26 -4.64 22.09
CA MET C 57 -2.12 -4.53 23.27
C MET C 57 -2.50 -5.93 23.72
N HIS C 58 -2.58 -6.87 22.79
CA HIS C 58 -3.05 -8.21 23.14
C HIS C 58 -1.91 -9.12 23.65
N GLN C 59 -0.75 -9.06 22.99
CA GLN C 59 0.33 -10.01 23.27
C GLN C 59 1.44 -9.41 24.11
N HIS C 60 1.47 -8.09 24.21
CA HIS C 60 2.54 -7.43 24.95
C HIS C 60 1.95 -6.50 26.01
N LYS C 61 1.19 -7.11 26.90
CA LYS C 61 0.39 -6.42 27.92
C LYS C 61 1.28 -5.60 28.83
N SER C 62 2.54 -6.05 28.97
CA SER C 62 3.48 -5.42 29.89
C SER C 62 3.97 -4.04 29.42
N ILE C 63 3.79 -3.76 28.13
CA ILE C 63 4.20 -2.47 27.58
C ILE C 63 3.22 -1.37 28.03
N THR C 64 3.72 -0.40 28.80
CA THR C 64 2.83 0.64 29.30
C THR C 64 2.73 1.81 28.31
N THR C 65 1.53 2.39 28.17
CA THR C 65 1.31 3.55 27.32
C THR C 65 1.01 4.78 28.15
N LEU C 66 1.63 5.89 27.78
CA LEU C 66 1.33 7.18 28.39
C LEU C 66 0.87 8.21 27.35
N GLN C 67 -0.23 8.90 27.63
CA GLN C 67 -0.70 10.00 26.81
C GLN C 67 0.09 11.27 27.15
N GLY C 68 0.58 11.98 26.13
CA GLY C 68 1.28 13.24 26.31
C GLY C 68 2.46 13.46 25.36
N GLU C 69 2.77 14.72 25.07
CA GLU C 69 3.86 15.06 24.16
C GLU C 69 5.21 15.13 24.90
N ASP C 70 5.16 15.18 26.22
CA ASP C 70 6.33 15.49 27.01
C ASP C 70 6.32 14.68 28.31
N ILE C 71 7.14 13.64 28.36
CA ILE C 71 7.14 12.69 29.47
C ILE C 71 8.56 12.34 29.95
N VAL C 72 8.63 11.61 31.07
CA VAL C 72 9.86 11.03 31.53
C VAL C 72 9.75 9.50 31.44
N PHE C 73 10.65 8.93 30.65
CA PHE C 73 10.81 7.51 30.44
C PHE C 73 11.88 7.05 31.44
N LEU C 74 11.43 6.47 32.56
CA LEU C 74 12.33 6.09 33.63
C LEU C 74 12.71 4.61 33.56
N ALA C 75 13.88 4.35 32.99
CA ALA C 75 14.36 2.98 32.82
C ALA C 75 15.00 2.47 34.11
N THR C 76 14.45 1.40 34.67
CA THR C 76 14.96 0.89 35.93
C THR C 76 16.04 -0.16 35.73
N ASP C 77 16.92 -0.29 36.73
CA ASP C 77 17.94 -1.33 36.77
C ASP C 77 18.89 -1.25 35.60
N ILE C 78 19.37 -0.07 35.26
CA ILE C 78 20.17 0.08 34.04
C ILE C 78 21.54 -0.60 34.10
N ASN C 79 21.94 -1.01 35.27
CA ASN C 79 23.24 -1.61 35.41
C ASN C 79 23.19 -3.10 35.43
N LEU C 80 22.00 -3.67 35.34
CA LEU C 80 21.85 -5.06 35.61
C LEU C 80 22.08 -5.96 34.43
N PRO C 81 23.05 -6.86 34.58
CA PRO C 81 23.77 -7.55 33.52
C PRO C 81 22.99 -8.16 32.34
N GLY C 82 23.73 -8.29 31.23
CA GLY C 82 23.29 -8.92 30.00
C GLY C 82 23.25 -7.89 28.91
N ALA C 83 22.62 -8.27 27.80
CA ALA C 83 22.12 -7.34 26.80
C ALA C 83 20.75 -7.02 27.34
N VAL C 84 20.29 -5.77 27.36
CA VAL C 84 18.97 -5.54 27.97
C VAL C 84 18.04 -4.65 27.10
N ASP C 85 16.74 -4.71 27.36
CA ASP C 85 15.75 -3.95 26.58
C ASP C 85 14.77 -3.25 27.50
N TRP C 86 14.42 -2.03 27.15
CA TRP C 86 13.34 -1.29 27.78
C TRP C 86 12.47 -0.72 26.67
N VAL C 87 11.15 -0.71 26.91
CA VAL C 87 10.21 -0.20 25.92
C VAL C 87 8.94 0.37 26.58
N MET C 88 8.45 1.49 26.06
CA MET C 88 7.16 2.02 26.47
C MET C 88 6.53 2.72 25.27
N MET C 89 5.26 3.07 25.36
CA MET C 89 4.63 3.82 24.29
C MET C 89 4.14 5.17 24.79
N GLN C 90 4.25 6.16 23.91
CA GLN C 90 3.83 7.52 24.13
C GLN C 90 2.75 7.86 23.09
N SER C 91 1.64 8.40 23.57
CA SER C 91 0.51 8.70 22.70
C SER C 91 0.32 10.20 22.53
N CYS C 92 0.38 10.70 21.29
CA CYS C 92 0.16 12.13 21.06
C CYS C 92 -0.07 12.45 19.58
N PHE C 93 -0.76 13.57 19.31
CA PHE C 93 -1.02 14.06 17.95
C PHE C 93 -1.82 13.04 17.13
N GLY C 94 -2.58 12.19 17.82
CA GLY C 94 -3.42 11.20 17.17
C GLY C 94 -2.64 9.95 16.79
N PHE C 95 -1.41 9.85 17.27
CA PHE C 95 -0.55 8.70 16.95
C PHE C 95 0.06 8.02 18.18
N HIS C 96 0.68 6.86 17.96
CA HIS C 96 1.49 6.20 19.00
C HIS C 96 2.96 6.07 18.60
N PHE C 97 3.84 6.33 19.54
CA PHE C 97 5.28 6.27 19.32
C PHE C 97 5.81 5.25 20.31
N MET C 98 6.69 4.38 19.84
CA MET C 98 7.37 3.46 20.74
C MET C 98 8.75 4.01 21.09
N LEU C 99 8.99 4.05 22.39
CA LEU C 99 10.22 4.53 22.96
C LEU C 99 11.02 3.31 23.34
N VAL C 100 12.26 3.24 22.85
CA VAL C 100 13.11 2.08 23.07
C VAL C 100 14.47 2.50 23.66
N LEU C 101 14.87 1.79 24.72
CA LEU C 101 16.22 1.83 25.26
C LEU C 101 16.84 0.45 25.08
N GLU C 102 18.04 0.38 24.49
CA GLU C 102 18.69 -0.89 24.29
C GLU C 102 20.14 -0.88 24.78
N LYS C 103 20.47 -1.85 25.62
CA LYS C 103 21.82 -1.97 26.14
C LYS C 103 22.50 -3.10 25.42
N GLN C 104 23.64 -2.82 24.80
CA GLN C 104 24.40 -3.86 24.14
C GLN C 104 25.76 -4.06 24.79
N GLU C 105 26.16 -5.33 24.94
CA GLU C 105 27.56 -5.66 25.10
C GLU C 105 28.01 -6.29 23.79
N LYS C 106 28.68 -5.55 22.93
CA LYS C 106 29.31 -6.20 21.81
C LYS C 106 30.78 -6.18 22.15
N TYR C 107 31.60 -6.68 21.24
CA TYR C 107 33.05 -6.53 21.33
C TYR C 107 33.10 -7.04 22.76
N ASP C 108 33.75 -6.29 23.64
CA ASP C 108 34.26 -6.73 24.93
C ASP C 108 34.19 -7.07 26.41
N GLY C 109 33.99 -6.04 27.24
CA GLY C 109 33.28 -5.58 28.42
C GLY C 109 32.79 -4.15 28.26
N HIS C 110 32.47 -3.76 27.04
CA HIS C 110 31.98 -2.41 26.76
C HIS C 110 30.47 -2.40 26.56
N GLN C 111 29.75 -1.80 27.51
CA GLN C 111 28.30 -1.73 27.43
C GLN C 111 27.97 -0.35 26.93
N GLN C 112 27.05 -0.30 25.98
CA GLN C 112 26.63 0.95 25.40
C GLN C 112 25.10 1.01 25.35
N PHE C 113 24.56 2.20 25.54
CA PHE C 113 23.12 2.42 25.51
C PHE C 113 22.71 3.14 24.22
N PHE C 114 21.60 2.68 23.65
CA PHE C 114 21.00 3.31 22.48
C PHE C 114 19.54 3.63 22.81
N ALA C 115 19.14 4.88 22.59
CA ALA C 115 17.77 5.29 22.87
C ALA C 115 17.23 5.96 21.62
N ILE C 116 16.02 5.54 21.27
CA ILE C 116 15.46 5.94 20.00
C ILE C 116 13.92 5.87 20.04
N VAL C 117 13.27 6.68 19.20
CA VAL C 117 11.81 6.68 19.12
C VAL C 117 11.36 6.26 17.71
N GLN C 118 10.32 5.42 17.65
CA GLN C 118 9.72 5.01 16.39
C GLN C 118 8.24 5.37 16.34
N LEU C 119 7.75 5.69 15.15
CA LEU C 119 6.32 5.87 14.93
C LEU C 119 5.66 4.57 14.49
N ILE C 120 4.56 4.24 15.14
CA ILE C 120 3.63 3.22 14.66
C ILE C 120 2.91 3.84 13.48
N GLY C 121 3.54 3.79 12.31
CA GLY C 121 3.00 4.40 11.12
C GLY C 121 3.99 4.31 9.98
N THR C 122 3.66 4.95 8.85
CA THR C 122 4.47 4.82 7.63
C THR C 122 5.70 5.71 7.66
N ARG C 123 6.59 5.50 6.71
CA ARG C 123 7.78 6.32 6.58
C ARG C 123 7.35 7.76 6.26
N LYS C 124 6.41 7.91 5.31
CA LYS C 124 5.93 9.24 5.00
C LYS C 124 5.32 9.87 6.25
N GLN C 125 4.54 9.10 6.98
CA GLN C 125 3.94 9.64 8.21
C GLN C 125 4.95 10.05 9.26
N ALA C 126 6.02 9.26 9.44
CA ALA C 126 7.04 9.56 10.44
C ALA C 126 7.70 10.89 10.10
N GLU C 127 7.84 11.18 8.81
CA GLU C 127 8.46 12.46 8.43
C GLU C 127 7.80 13.73 9.01
N ASN C 128 6.55 13.65 9.48
CA ASN C 128 5.86 14.83 10.02
C ASN C 128 6.15 15.14 11.48
N PHE C 129 7.02 14.34 12.10
CA PHE C 129 7.26 14.48 13.54
C PHE C 129 8.74 14.64 13.85
N ALA C 130 9.03 15.23 15.01
CA ALA C 130 10.38 15.30 15.53
C ALA C 130 10.34 14.86 16.99
N TYR C 131 11.45 14.33 17.50
CA TYR C 131 11.53 14.03 18.92
C TYR C 131 12.87 14.46 19.55
N ARG C 132 12.82 14.61 20.87
CA ARG C 132 13.97 14.99 21.67
C ARG C 132 14.11 14.05 22.87
N LEU C 133 15.31 13.51 23.00
CA LEU C 133 15.68 12.71 24.15
C LEU C 133 16.71 13.49 24.96
N GLU C 134 16.47 13.62 26.26
CA GLU C 134 17.30 14.45 27.12
C GLU C 134 17.69 13.74 28.41
N LEU C 135 18.98 13.72 28.72
CA LEU C 135 19.48 13.31 30.03
C LEU C 135 19.96 14.54 30.79
N ASN C 136 19.62 14.58 32.08
CA ASN C 136 19.91 15.72 32.95
C ASN C 136 20.59 15.32 34.24
N GLY C 137 21.55 16.11 34.71
CA GLY C 137 22.11 15.85 36.04
C GLY C 137 23.47 16.42 36.34
N HIS C 138 23.68 16.79 37.60
CA HIS C 138 24.95 17.31 38.10
C HIS C 138 25.67 18.25 37.13
N ARG C 139 24.94 19.28 36.70
CA ARG C 139 25.48 20.35 35.86
C ARG C 139 25.93 19.84 34.47
N ARG C 140 25.29 18.76 34.05
CA ARG C 140 25.51 18.15 32.73
C ARG C 140 24.13 17.94 32.08
N ARG C 141 24.07 18.07 30.76
CA ARG C 141 22.85 17.75 30.01
C ARG C 141 23.21 17.23 28.62
N LEU C 142 22.66 16.08 28.25
CA LEU C 142 22.90 15.47 26.93
C LEU C 142 21.60 15.33 26.16
N THR C 143 21.59 15.88 24.96
CA THR C 143 20.36 15.99 24.20
C THR C 143 20.58 15.47 22.79
N TRP C 144 19.62 14.69 22.32
CA TRP C 144 19.54 14.17 20.96
C TRP C 144 18.20 14.55 20.33
N GLU C 145 18.22 15.15 19.15
CA GLU C 145 16.97 15.53 18.48
C GLU C 145 16.99 14.99 17.07
N ALA C 146 15.89 14.37 16.62
CA ALA C 146 15.84 13.79 15.27
C ALA C 146 14.43 13.42 14.89
N THR C 147 14.28 12.88 13.70
CA THR C 147 12.99 12.40 13.17
C THR C 147 12.77 10.97 13.61
N PRO C 148 11.60 10.65 14.15
CA PRO C 148 11.37 9.26 14.54
C PRO C 148 11.42 8.33 13.33
N ARG C 149 11.91 7.09 13.51
CA ARG C 149 11.90 6.09 12.45
C ARG C 149 10.49 5.51 12.38
N SER C 150 10.02 5.21 11.17
CA SER C 150 8.81 4.38 11.03
C SER C 150 9.12 2.97 11.49
N ILE C 151 8.19 2.30 12.18
CA ILE C 151 8.41 0.87 12.53
C ILE C 151 8.53 0.00 11.29
N HIS C 152 8.13 0.54 10.16
CA HIS C 152 8.32 -0.13 8.89
C HIS C 152 9.81 -0.31 8.59
N GLU C 153 10.58 0.74 8.88
CA GLU C 153 12.02 0.70 8.71
C GLU C 153 12.66 -0.09 9.85
N GLY C 154 12.06 -0.02 11.04
CA GLY C 154 12.66 -0.63 12.20
C GLY C 154 13.82 0.24 12.68
N ILE C 155 14.55 -0.20 13.70
CA ILE C 155 15.60 0.62 14.29
C ILE C 155 16.97 -0.05 14.33
N ALA C 156 17.03 -1.27 13.81
CA ALA C 156 18.26 -2.01 13.78
C ALA C 156 19.32 -1.21 13.04
N THR C 157 18.94 -0.65 11.90
CA THR C 157 19.86 0.10 11.06
C THR C 157 20.34 1.41 11.72
N ALA C 158 19.41 2.14 12.33
CA ALA C 158 19.79 3.39 13.02
C ALA C 158 20.79 3.11 14.13
N ILE C 159 20.45 2.14 14.98
CA ILE C 159 21.26 1.73 16.11
C ILE C 159 22.64 1.26 15.61
N MET C 160 22.66 0.40 14.59
CA MET C 160 23.92 0.02 13.97
C MET C 160 24.76 1.22 13.57
N ASN C 161 24.11 2.22 13.00
CA ASN C 161 24.77 3.44 12.55
C ASN C 161 24.94 4.53 13.62
N SER C 162 24.63 4.20 14.87
CA SER C 162 24.61 5.20 15.96
C SER C 162 23.75 6.44 15.62
N ASP C 163 22.73 6.24 14.81
CA ASP C 163 21.84 7.31 14.40
C ASP C 163 20.67 7.38 15.39
N CYS C 164 20.98 7.76 16.63
CA CYS C 164 20.03 7.80 17.75
C CYS C 164 20.82 8.37 18.92
N LEU C 165 20.25 8.33 20.12
CA LEU C 165 21.02 8.73 21.30
C LEU C 165 21.93 7.58 21.76
N VAL C 166 23.24 7.84 21.81
CA VAL C 166 24.23 6.82 22.17
C VAL C 166 25.08 7.27 23.35
N PHE C 167 25.16 6.44 24.38
CA PHE C 167 26.02 6.84 25.50
C PHE C 167 26.56 5.60 26.18
N ASP C 168 27.67 5.74 26.91
CA ASP C 168 28.28 4.54 27.46
C ASP C 168 27.99 4.44 28.94
N THR C 169 28.52 3.38 29.55
CA THR C 169 28.31 3.07 30.95
C THR C 169 28.64 4.24 31.89
N SER C 170 29.76 4.91 31.64
CA SER C 170 30.21 6.01 32.51
C SER C 170 29.21 7.17 32.50
N ILE C 171 28.83 7.60 31.32
CA ILE C 171 27.85 8.68 31.15
C ILE C 171 26.55 8.30 31.82
N ALA C 172 26.11 7.06 31.55
CA ALA C 172 24.90 6.52 32.15
C ALA C 172 24.93 6.69 33.65
N GLN C 173 26.07 6.39 34.26
CA GLN C 173 26.19 6.52 35.71
C GLN C 173 26.13 7.98 36.13
N LEU C 174 26.72 8.85 35.30
CA LEU C 174 26.64 10.29 35.55
C LEU C 174 25.20 10.78 35.63
N PHE C 175 24.31 10.18 34.85
CA PHE C 175 22.94 10.70 34.83
C PHE C 175 21.94 9.87 35.65
N ALA C 176 22.36 8.70 36.13
CA ALA C 176 21.43 7.78 36.82
C ALA C 176 21.20 8.12 38.29
N GLU C 177 19.98 7.85 38.76
CA GLU C 177 19.65 7.96 40.18
C GLU C 177 19.10 6.65 40.73
N ASN C 178 19.75 6.11 41.77
CA ASN C 178 19.36 4.84 42.37
C ASN C 178 19.31 3.70 41.35
N GLY C 179 20.26 3.71 40.42
CA GLY C 179 20.34 2.71 39.37
C GLY C 179 19.25 2.83 38.31
N ASN C 180 18.58 3.99 38.28
CA ASN C 180 17.55 4.25 37.29
C ASN C 180 17.96 5.42 36.41
N LEU C 181 17.57 5.40 35.15
CA LEU C 181 17.88 6.51 34.26
C LEU C 181 16.60 7.18 33.74
N GLY C 182 16.45 8.46 34.08
CA GLY C 182 15.37 9.27 33.56
C GLY C 182 15.72 9.83 32.19
N ILE C 183 14.92 9.48 31.21
CA ILE C 183 15.07 10.01 29.87
C ILE C 183 13.90 10.94 29.61
N ASN C 184 14.17 12.23 29.48
CA ASN C 184 13.10 13.17 29.12
C ASN C 184 12.81 13.04 27.65
N VAL C 185 11.56 12.73 27.32
CA VAL C 185 11.16 12.54 25.92
C VAL C 185 10.08 13.52 25.49
N THR C 186 10.37 14.27 24.43
CA THR C 186 9.45 15.25 23.88
C THR C 186 9.18 14.98 22.39
N ILE C 187 7.91 14.79 22.04
CA ILE C 187 7.55 14.64 20.64
C ILE C 187 6.86 15.91 20.17
N SER C 188 7.20 16.33 18.97
CA SER C 188 6.57 17.49 18.38
C SER C 188 6.28 17.25 16.90
N MET C 189 5.51 18.15 16.32
CA MET C 189 5.21 18.16 14.90
C MET C 189 6.03 19.19 14.16
N CYS C 190 6.48 18.87 12.94
CA CYS C 190 7.22 19.85 12.15
C CYS C 190 6.58 20.03 10.77
N SER D 1 -54.02 -31.36 -8.17
CA SER D 1 -52.65 -31.08 -8.57
C SER D 1 -52.44 -31.27 -10.08
N VAL D 2 -53.18 -30.50 -10.88
CA VAL D 2 -53.09 -30.59 -12.33
C VAL D 2 -51.78 -29.95 -12.84
N LEU D 3 -51.12 -30.65 -13.76
CA LEU D 3 -49.76 -30.29 -14.22
C LEU D 3 -49.67 -29.92 -15.70
N PHE D 4 -49.02 -28.79 -15.98
CA PHE D 4 -48.85 -28.31 -17.35
C PHE D 4 -47.39 -28.40 -17.79
N PRO D 5 -47.16 -28.79 -19.06
CA PRO D 5 -45.80 -28.75 -19.57
C PRO D 5 -45.33 -27.31 -19.67
N CYS D 6 -44.04 -27.08 -19.45
CA CYS D 6 -43.43 -25.79 -19.71
C CYS D 6 -43.70 -25.38 -21.15
N LYS D 7 -43.90 -24.08 -21.35
CA LYS D 7 -44.08 -23.55 -22.71
C LYS D 7 -42.85 -23.84 -23.59
N TYR D 8 -41.69 -24.09 -23.00
CA TYR D 8 -40.51 -24.42 -23.80
C TYR D 8 -40.24 -25.91 -23.88
N ALA D 9 -41.27 -26.72 -23.63
CA ALA D 9 -41.20 -28.16 -23.91
C ALA D 9 -40.83 -28.33 -25.38
N SER D 10 -41.35 -27.42 -26.20
CA SER D 10 -41.07 -27.39 -27.63
C SER D 10 -39.58 -27.24 -27.95
N SER D 11 -38.82 -26.60 -27.06
CA SER D 11 -37.38 -26.49 -27.23
C SER D 11 -36.60 -27.59 -26.51
N GLY D 12 -37.30 -28.44 -25.78
CA GLY D 12 -36.68 -29.59 -25.15
C GLY D 12 -36.73 -29.56 -23.64
N CYS D 13 -37.54 -28.66 -23.09
CA CYS D 13 -37.72 -28.59 -21.64
C CYS D 13 -38.64 -29.71 -21.17
N GLU D 14 -38.23 -30.45 -20.16
CA GLU D 14 -38.97 -31.64 -19.73
C GLU D 14 -39.77 -31.45 -18.44
N ILE D 15 -39.81 -30.22 -17.93
CA ILE D 15 -40.52 -29.93 -16.69
C ILE D 15 -42.04 -29.75 -16.86
N THR D 16 -42.81 -30.26 -15.90
CA THR D 16 -44.25 -30.04 -15.86
C THR D 16 -44.57 -29.51 -14.47
N LEU D 17 -45.40 -28.48 -14.39
CA LEU D 17 -45.57 -27.80 -13.12
C LEU D 17 -47.03 -27.48 -12.82
N PRO D 18 -47.37 -27.35 -11.54
CA PRO D 18 -48.70 -26.79 -11.28
C PRO D 18 -48.72 -25.34 -11.73
N HIS D 19 -49.89 -24.87 -12.12
CA HIS D 19 -50.10 -23.54 -12.66
C HIS D 19 -49.50 -22.44 -11.81
N THR D 20 -49.46 -22.68 -10.50
CA THR D 20 -48.90 -21.71 -9.56
C THR D 20 -47.41 -21.42 -9.80
N GLU D 21 -46.70 -22.36 -10.41
CA GLU D 21 -45.24 -22.24 -10.52
C GLU D 21 -44.76 -21.94 -11.95
N LYS D 22 -45.68 -22.09 -12.89
CA LYS D 22 -45.35 -22.10 -14.32
C LYS D 22 -44.74 -20.80 -14.84
N ALA D 23 -45.37 -19.66 -14.55
CA ALA D 23 -44.91 -18.40 -15.12
C ALA D 23 -43.50 -18.06 -14.65
N ASP D 24 -43.22 -18.35 -13.38
CA ASP D 24 -41.90 -18.14 -12.82
C ASP D 24 -40.83 -19.08 -13.38
N HIS D 25 -41.18 -20.36 -13.53
CA HIS D 25 -40.21 -21.27 -14.13
C HIS D 25 -39.89 -20.82 -15.55
N GLU D 26 -40.93 -20.45 -16.28
CA GLU D 26 -40.77 -20.02 -17.66
C GLU D 26 -39.96 -18.73 -17.70
N GLU D 27 -39.98 -17.95 -16.62
CA GLU D 27 -39.07 -16.80 -16.51
C GLU D 27 -37.61 -17.24 -16.39
N LEU D 28 -37.37 -18.37 -15.71
CA LEU D 28 -35.99 -18.83 -15.50
C LEU D 28 -35.49 -19.94 -16.45
N CYS D 29 -36.40 -20.53 -17.23
CA CYS D 29 -36.08 -21.75 -17.96
C CYS D 29 -34.88 -21.64 -18.90
N GLU D 30 -33.97 -22.60 -18.81
CA GLU D 30 -32.80 -22.63 -19.66
C GLU D 30 -33.15 -22.78 -21.14
N PHE D 31 -34.29 -23.37 -21.43
CA PHE D 31 -34.65 -23.71 -22.81
C PHE D 31 -35.37 -22.60 -23.54
N ARG D 32 -35.65 -21.52 -22.84
CA ARG D 32 -36.12 -20.30 -23.49
C ARG D 32 -35.12 -19.78 -24.52
N PRO D 33 -35.62 -19.39 -25.71
CA PRO D 33 -34.75 -18.82 -26.75
C PRO D 33 -34.03 -17.56 -26.27
N TYR D 34 -32.80 -17.37 -26.73
CA TYR D 34 -32.07 -16.13 -26.45
C TYR D 34 -32.43 -15.03 -27.44
N SER D 35 -32.66 -13.84 -26.92
CA SER D 35 -32.86 -12.69 -27.80
C SER D 35 -31.51 -12.02 -28.05
N CYS D 36 -31.42 -11.28 -29.15
CA CYS D 36 -30.20 -10.54 -29.48
C CYS D 36 -29.84 -9.59 -28.36
N PRO D 37 -28.61 -9.71 -27.84
CA PRO D 37 -28.16 -8.89 -26.72
C PRO D 37 -27.62 -7.51 -27.13
N CYS D 38 -27.58 -7.17 -28.41
CA CYS D 38 -27.09 -5.85 -28.80
C CYS D 38 -28.10 -4.78 -28.38
N PRO D 39 -27.64 -3.66 -27.77
CA PRO D 39 -28.48 -2.53 -27.37
C PRO D 39 -28.86 -1.65 -28.56
N GLY D 40 -29.95 -0.91 -28.46
CA GLY D 40 -30.22 0.14 -29.43
C GLY D 40 -30.73 -0.40 -30.72
N ALA D 41 -30.75 -1.71 -30.80
CA ALA D 41 -31.22 -2.33 -32.00
C ALA D 41 -32.65 -2.63 -31.68
N SER D 42 -33.33 -3.15 -32.69
CA SER D 42 -34.66 -3.67 -32.61
C SER D 42 -34.41 -4.81 -33.56
N CYS D 43 -33.65 -5.77 -33.06
CA CYS D 43 -33.08 -6.81 -33.89
C CYS D 43 -33.97 -8.02 -34.00
N LYS D 44 -34.65 -8.31 -32.91
CA LYS D 44 -35.61 -9.42 -32.84
C LYS D 44 -35.12 -10.79 -33.34
N TRP D 45 -33.81 -10.95 -33.50
CA TRP D 45 -33.25 -12.27 -33.75
C TRP D 45 -33.45 -13.12 -32.51
N GLN D 46 -33.59 -14.42 -32.71
CA GLN D 46 -33.67 -15.35 -31.59
C GLN D 46 -32.99 -16.64 -32.02
N GLY D 47 -32.41 -17.33 -31.04
CA GLY D 47 -31.74 -18.59 -31.32
C GLY D 47 -31.21 -19.22 -30.04
N SER D 48 -30.52 -20.34 -30.18
CA SER D 48 -29.93 -20.98 -29.02
C SER D 48 -28.71 -20.20 -28.56
N LEU D 49 -28.24 -20.49 -27.35
CA LEU D 49 -27.10 -19.78 -26.77
C LEU D 49 -25.84 -19.83 -27.65
N ASP D 50 -25.50 -21.03 -28.13
CA ASP D 50 -24.30 -21.21 -28.93
C ASP D 50 -24.39 -20.47 -30.28
N ALA D 51 -25.60 -20.04 -30.66
CA ALA D 51 -25.79 -19.24 -31.87
C ALA D 51 -25.65 -17.71 -31.62
N VAL D 52 -25.50 -17.29 -30.39
CA VAL D 52 -25.48 -15.85 -30.11
C VAL D 52 -24.22 -15.17 -30.70
N MET D 53 -23.03 -15.66 -30.36
CA MET D 53 -21.80 -15.06 -30.89
C MET D 53 -21.72 -15.00 -32.42
N PRO D 54 -22.08 -16.11 -33.11
CA PRO D 54 -22.05 -16.00 -34.58
C PRO D 54 -22.95 -14.87 -35.06
N HIS D 55 -24.17 -14.82 -34.53
CA HIS D 55 -25.11 -13.75 -34.89
C HIS D 55 -24.46 -12.37 -34.70
N LEU D 56 -23.94 -12.12 -33.51
CA LEU D 56 -23.33 -10.82 -33.24
C LEU D 56 -22.22 -10.51 -34.23
N MET D 57 -21.42 -11.52 -34.56
CA MET D 57 -20.28 -11.31 -35.42
C MET D 57 -20.74 -11.10 -36.85
N HIS D 58 -21.84 -11.75 -37.22
CA HIS D 58 -22.27 -11.72 -38.60
C HIS D 58 -23.16 -10.53 -38.90
N GLN D 59 -24.09 -10.23 -37.98
CA GLN D 59 -25.13 -9.24 -38.23
C GLN D 59 -24.89 -7.89 -37.54
N HIS D 60 -23.98 -7.85 -36.57
CA HIS D 60 -23.67 -6.64 -35.82
C HIS D 60 -22.18 -6.31 -35.89
N LYS D 61 -21.70 -6.12 -37.13
CA LYS D 61 -20.27 -6.00 -37.44
C LYS D 61 -19.54 -4.87 -36.72
N SER D 62 -20.25 -3.81 -36.33
CA SER D 62 -19.60 -2.65 -35.71
C SER D 62 -19.13 -2.93 -34.29
N ILE D 63 -19.61 -4.02 -33.69
CA ILE D 63 -19.20 -4.36 -32.34
C ILE D 63 -17.77 -4.90 -32.33
N THR D 64 -16.86 -4.21 -31.67
CA THR D 64 -15.46 -4.66 -31.63
C THR D 64 -15.26 -5.59 -30.45
N THR D 65 -14.39 -6.59 -30.62
CA THR D 65 -14.02 -7.48 -29.52
C THR D 65 -12.56 -7.23 -29.12
N LEU D 66 -12.30 -7.18 -27.82
CA LEU D 66 -10.94 -7.10 -27.28
C LEU D 66 -10.63 -8.29 -26.37
N GLN D 67 -9.51 -8.98 -26.60
CA GLN D 67 -9.04 -10.04 -25.73
C GLN D 67 -8.29 -9.48 -24.51
N GLY D 68 -8.63 -9.98 -23.32
CA GLY D 68 -7.93 -9.59 -22.10
C GLY D 68 -8.85 -9.45 -20.89
N GLU D 69 -8.28 -9.61 -19.69
CA GLU D 69 -9.01 -9.54 -18.43
C GLU D 69 -9.17 -8.13 -17.86
N ASP D 70 -8.37 -7.19 -18.38
CA ASP D 70 -8.28 -5.84 -17.83
C ASP D 70 -8.10 -4.88 -19.00
N ILE D 71 -9.15 -4.14 -19.37
CA ILE D 71 -9.09 -3.28 -20.55
C ILE D 71 -9.70 -1.91 -20.28
N VAL D 72 -9.56 -0.97 -21.20
CA VAL D 72 -10.27 0.30 -21.06
C VAL D 72 -11.29 0.46 -22.17
N PHE D 73 -12.55 0.63 -21.78
CA PHE D 73 -13.67 0.84 -22.67
C PHE D 73 -13.77 2.36 -22.81
N LEU D 74 -13.24 2.90 -23.91
CA LEU D 74 -13.25 4.37 -24.10
C LEU D 74 -14.42 4.76 -24.97
N ALA D 75 -15.49 5.19 -24.32
CA ALA D 75 -16.71 5.60 -25.00
C ALA D 75 -16.55 7.01 -25.52
N THR D 76 -16.66 7.18 -26.82
CA THR D 76 -16.45 8.50 -27.42
C THR D 76 -17.76 9.28 -27.52
N ASP D 77 -17.65 10.61 -27.56
CA ASP D 77 -18.81 11.48 -27.77
C ASP D 77 -19.90 11.28 -26.73
N ILE D 78 -19.54 11.20 -25.44
CA ILE D 78 -20.56 10.92 -24.43
C ILE D 78 -21.57 12.05 -24.24
N ASN D 79 -21.26 13.24 -24.75
CA ASN D 79 -22.18 14.37 -24.63
C ASN D 79 -23.09 14.57 -25.83
N LEU D 80 -23.14 13.61 -26.74
CA LEU D 80 -23.98 13.77 -27.93
C LEU D 80 -25.43 13.48 -27.51
N PRO D 81 -26.33 14.44 -27.76
CA PRO D 81 -27.68 14.49 -27.18
C PRO D 81 -28.55 13.24 -27.36
N GLY D 82 -29.45 12.99 -26.41
CA GLY D 82 -30.43 11.93 -26.63
C GLY D 82 -30.28 10.69 -25.77
N ALA D 83 -30.98 9.62 -26.17
CA ALA D 83 -30.64 8.30 -25.68
C ALA D 83 -29.54 7.72 -26.56
N VAL D 84 -28.45 7.21 -25.98
CA VAL D 84 -27.37 6.70 -26.83
C VAL D 84 -26.89 5.36 -26.27
N ASP D 85 -26.21 4.57 -27.10
CA ASP D 85 -25.77 3.24 -26.71
C ASP D 85 -24.31 3.07 -27.13
N TRP D 86 -23.52 2.38 -26.30
CA TRP D 86 -22.16 1.96 -26.61
C TRP D 86 -22.05 0.48 -26.24
N VAL D 87 -21.33 -0.29 -27.04
CA VAL D 87 -21.19 -1.71 -26.77
C VAL D 87 -19.89 -2.25 -27.36
N MET D 88 -19.22 -3.09 -26.60
CA MET D 88 -18.05 -3.79 -27.11
C MET D 88 -18.01 -5.16 -26.41
N MET D 89 -17.18 -6.07 -26.90
CA MET D 89 -17.06 -7.36 -26.27
C MET D 89 -15.66 -7.57 -25.74
N GLN D 90 -15.56 -8.23 -24.61
CA GLN D 90 -14.30 -8.54 -23.93
C GLN D 90 -14.17 -10.05 -23.83
N SER D 91 -13.05 -10.59 -24.27
CA SER D 91 -12.89 -12.04 -24.28
C SER D 91 -11.88 -12.50 -23.23
N CYS D 92 -12.30 -13.35 -22.31
CA CYS D 92 -11.34 -13.83 -21.31
C CYS D 92 -11.89 -15.04 -20.57
N PHE D 93 -10.98 -15.84 -20.03
CA PHE D 93 -11.34 -17.01 -19.23
C PHE D 93 -12.15 -18.00 -20.04
N GLY D 94 -11.99 -17.97 -21.36
CA GLY D 94 -12.67 -18.91 -22.25
C GLY D 94 -14.09 -18.49 -22.60
N PHE D 95 -14.45 -17.26 -22.24
CA PHE D 95 -15.80 -16.72 -22.49
C PHE D 95 -15.78 -15.37 -23.18
N HIS D 96 -16.95 -14.92 -23.61
CA HIS D 96 -17.11 -13.57 -24.11
C HIS D 96 -18.09 -12.82 -23.24
N PHE D 97 -17.74 -11.58 -22.96
CA PHE D 97 -18.53 -10.70 -22.13
C PHE D 97 -18.94 -9.50 -22.96
N MET D 98 -20.20 -9.09 -22.83
CA MET D 98 -20.66 -7.89 -23.48
C MET D 98 -20.61 -6.73 -22.49
N LEU D 99 -19.94 -5.66 -22.91
CA LEU D 99 -19.78 -4.43 -22.13
C LEU D 99 -20.72 -3.40 -22.74
N VAL D 100 -21.58 -2.83 -21.89
CA VAL D 100 -22.60 -1.89 -22.36
C VAL D 100 -22.62 -0.57 -21.56
N LEU D 101 -22.62 0.54 -22.29
CA LEU D 101 -22.91 1.86 -21.72
C LEU D 101 -24.20 2.36 -22.34
N GLU D 102 -25.16 2.76 -21.51
CA GLU D 102 -26.43 3.24 -22.03
C GLU D 102 -26.78 4.59 -21.43
N LYS D 103 -27.09 5.55 -22.29
CA LYS D 103 -27.51 6.86 -21.84
C LYS D 103 -29.02 7.00 -22.06
N GLN D 104 -29.72 7.37 -20.98
CA GLN D 104 -31.16 7.63 -20.95
C GLN D 104 -31.53 9.08 -20.60
N GLU D 105 -32.66 9.55 -21.15
CA GLU D 105 -33.38 10.75 -20.70
C GLU D 105 -34.80 10.42 -20.26
N LYS D 106 -35.00 10.14 -18.99
CA LYS D 106 -36.36 9.90 -18.54
C LYS D 106 -37.15 11.19 -18.30
N TYR D 107 -36.47 12.25 -17.88
CA TYR D 107 -37.13 13.56 -17.71
C TYR D 107 -36.47 14.55 -18.66
N ASP D 108 -37.19 15.63 -18.99
CA ASP D 108 -36.69 16.63 -19.94
C ASP D 108 -35.26 17.06 -19.67
N GLY D 109 -34.34 16.63 -20.54
CA GLY D 109 -32.96 17.08 -20.52
C GLY D 109 -32.19 16.60 -19.30
N HIS D 110 -32.75 15.61 -18.60
CA HIS D 110 -32.06 15.05 -17.43
C HIS D 110 -31.49 13.71 -17.90
N GLN D 111 -30.17 13.65 -18.05
CA GLN D 111 -29.56 12.45 -18.62
C GLN D 111 -28.80 11.63 -17.60
N GLN D 112 -28.92 10.33 -17.73
CA GLN D 112 -28.22 9.39 -16.86
C GLN D 112 -27.54 8.27 -17.66
N PHE D 113 -26.39 7.85 -17.17
CA PHE D 113 -25.56 6.78 -17.75
C PHE D 113 -25.61 5.50 -16.90
N PHE D 114 -25.67 4.35 -17.60
CA PHE D 114 -25.67 3.04 -16.95
C PHE D 114 -24.58 2.19 -17.63
N ALA D 115 -23.70 1.61 -16.83
CA ALA D 115 -22.61 0.81 -17.37
C ALA D 115 -22.67 -0.53 -16.71
N ILE D 116 -22.58 -1.58 -17.51
CA ILE D 116 -22.82 -2.91 -16.99
C ILE D 116 -22.19 -3.97 -17.89
N VAL D 117 -21.89 -5.12 -17.33
CA VAL D 117 -21.31 -6.23 -18.08
C VAL D 117 -22.23 -7.46 -18.02
N GLN D 118 -22.37 -8.13 -19.16
CA GLN D 118 -23.12 -9.38 -19.26
C GLN D 118 -22.24 -10.51 -19.77
N LEU D 119 -22.52 -11.73 -19.31
CA LEU D 119 -21.87 -12.89 -19.86
C LEU D 119 -22.64 -13.46 -21.03
N ILE D 120 -21.95 -13.72 -22.13
CA ILE D 120 -22.52 -14.57 -23.17
C ILE D 120 -22.41 -16.03 -22.71
N GLY D 121 -23.41 -16.43 -21.94
CA GLY D 121 -23.44 -17.77 -21.36
C GLY D 121 -24.64 -17.80 -20.45
N THR D 122 -24.78 -18.89 -19.69
CA THR D 122 -25.97 -19.12 -18.88
C THR D 122 -25.90 -18.38 -17.53
N ARG D 123 -27.02 -18.34 -16.80
CA ARG D 123 -27.05 -17.76 -15.45
C ARG D 123 -26.09 -18.50 -14.53
N LYS D 124 -26.11 -19.83 -14.64
CA LYS D 124 -25.22 -20.66 -13.85
C LYS D 124 -23.75 -20.32 -14.12
N GLN D 125 -23.38 -20.22 -15.39
CA GLN D 125 -22.00 -19.87 -15.76
C GLN D 125 -21.63 -18.50 -15.22
N ALA D 126 -22.57 -17.57 -15.35
CA ALA D 126 -22.33 -16.18 -14.95
C ALA D 126 -21.99 -16.08 -13.48
N GLU D 127 -22.62 -16.92 -12.65
CA GLU D 127 -22.33 -16.88 -11.22
C GLU D 127 -20.84 -17.05 -10.85
N ASN D 128 -20.03 -17.60 -11.76
CA ASN D 128 -18.60 -17.85 -11.46
C ASN D 128 -17.68 -16.65 -11.65
N PHE D 129 -18.23 -15.53 -12.09
CA PHE D 129 -17.42 -14.39 -12.47
C PHE D 129 -17.75 -13.16 -11.65
N ALA D 130 -16.80 -12.25 -11.55
CA ALA D 130 -17.02 -10.95 -10.93
C ALA D 130 -16.46 -9.92 -11.92
N TYR D 131 -17.01 -8.72 -11.92
CA TYR D 131 -16.45 -7.66 -12.73
C TYR D 131 -16.37 -6.36 -11.93
N ARG D 132 -15.50 -5.48 -12.43
CA ARG D 132 -15.29 -4.18 -11.83
C ARG D 132 -15.26 -3.10 -12.91
N LEU D 133 -16.06 -2.05 -12.70
CA LEU D 133 -16.08 -0.88 -13.56
C LEU D 133 -15.52 0.30 -12.78
N GLU D 134 -14.56 1.00 -13.36
CA GLU D 134 -13.89 2.06 -12.64
C GLU D 134 -13.80 3.30 -13.50
N LEU D 135 -14.19 4.43 -12.93
CA LEU D 135 -13.93 5.73 -13.56
C LEU D 135 -12.79 6.38 -12.79
N ASN D 136 -11.81 6.91 -13.51
CA ASN D 136 -10.61 7.48 -12.90
C ASN D 136 -10.09 8.82 -13.40
N GLY D 137 -10.04 9.80 -12.51
CA GLY D 137 -9.82 11.19 -12.88
C GLY D 137 -8.78 12.26 -12.66
N HIS D 138 -8.73 12.79 -11.44
CA HIS D 138 -7.89 13.93 -11.06
C HIS D 138 -7.26 13.17 -9.90
N ARG D 139 -8.02 13.07 -8.82
CA ARG D 139 -7.65 12.25 -7.67
C ARG D 139 -8.97 11.60 -7.26
N ARG D 140 -9.84 11.48 -8.25
CA ARG D 140 -11.16 10.90 -8.09
C ARG D 140 -11.22 9.49 -8.61
N ARG D 141 -12.04 8.67 -7.96
CA ARG D 141 -12.27 7.33 -8.46
C ARG D 141 -13.65 6.83 -8.07
N LEU D 142 -14.41 6.38 -9.06
CA LEU D 142 -15.73 5.83 -8.80
C LEU D 142 -15.74 4.38 -9.25
N THR D 143 -16.08 3.45 -8.36
CA THR D 143 -15.95 2.05 -8.68
C THR D 143 -17.23 1.25 -8.44
N TRP D 144 -17.55 0.34 -9.33
CA TRP D 144 -18.69 -0.56 -9.18
C TRP D 144 -18.22 -2.00 -9.33
N GLU D 145 -18.53 -2.89 -8.38
CA GLU D 145 -18.12 -4.30 -8.48
C GLU D 145 -19.33 -5.21 -8.29
N ALA D 146 -19.43 -6.26 -9.13
CA ALA D 146 -20.58 -7.16 -9.05
C ALA D 146 -20.43 -8.39 -9.90
N THR D 147 -21.45 -9.22 -9.89
CA THR D 147 -21.50 -10.41 -10.74
C THR D 147 -22.10 -10.04 -12.09
N PRO D 148 -21.47 -10.45 -13.20
CA PRO D 148 -22.12 -10.11 -14.48
C PRO D 148 -23.44 -10.86 -14.65
N ARG D 149 -24.39 -10.25 -15.36
CA ARG D 149 -25.65 -10.91 -15.68
C ARG D 149 -25.44 -11.84 -16.87
N SER D 150 -26.13 -12.96 -16.90
CA SER D 150 -26.23 -13.73 -18.12
C SER D 150 -27.06 -12.91 -19.11
N ILE D 151 -26.70 -12.93 -20.40
CA ILE D 151 -27.57 -12.36 -21.44
C ILE D 151 -28.95 -13.03 -21.48
N HIS D 152 -29.08 -14.21 -20.86
CA HIS D 152 -30.38 -14.85 -20.75
C HIS D 152 -31.35 -14.01 -19.92
N GLU D 153 -30.84 -13.48 -18.82
CA GLU D 153 -31.62 -12.59 -17.99
C GLU D 153 -31.70 -11.20 -18.64
N GLY D 154 -30.62 -10.80 -19.31
CA GLY D 154 -30.55 -9.46 -19.88
C GLY D 154 -30.26 -8.40 -18.83
N ILE D 155 -30.28 -7.13 -19.24
CA ILE D 155 -29.92 -6.02 -18.35
C ILE D 155 -30.99 -4.97 -18.14
N ALA D 156 -32.14 -5.14 -18.77
CA ALA D 156 -33.22 -4.15 -18.60
C ALA D 156 -33.58 -4.06 -17.13
N THR D 157 -33.75 -5.20 -16.50
CA THR D 157 -34.11 -5.27 -15.09
C THR D 157 -33.04 -4.64 -14.20
N ALA D 158 -31.78 -4.97 -14.46
CA ALA D 158 -30.68 -4.39 -13.68
C ALA D 158 -30.65 -2.89 -13.82
N ILE D 159 -30.70 -2.40 -15.07
CA ILE D 159 -30.64 -0.97 -15.34
C ILE D 159 -31.83 -0.25 -14.66
N MET D 160 -33.03 -0.83 -14.80
CA MET D 160 -34.22 -0.32 -14.10
C MET D 160 -34.00 -0.17 -12.59
N ASN D 161 -33.32 -1.14 -11.98
CA ASN D 161 -33.06 -1.11 -10.54
C ASN D 161 -31.76 -0.38 -10.17
N SER D 162 -31.15 0.28 -11.16
CA SER D 162 -29.84 0.93 -10.97
C SER D 162 -28.80 -0.06 -10.40
N ASP D 163 -28.96 -1.33 -10.74
CA ASP D 163 -28.09 -2.37 -10.21
C ASP D 163 -26.89 -2.54 -11.14
N CYS D 164 -26.10 -1.48 -11.23
CA CYS D 164 -24.97 -1.41 -12.13
C CYS D 164 -24.27 -0.10 -11.82
N LEU D 165 -23.33 0.31 -12.67
CA LEU D 165 -22.70 1.61 -12.45
C LEU D 165 -23.64 2.71 -12.99
N VAL D 166 -24.03 3.64 -12.13
CA VAL D 166 -24.98 4.70 -12.51
C VAL D 166 -24.37 6.07 -12.26
N PHE D 167 -24.37 6.93 -13.26
CA PHE D 167 -23.87 8.29 -13.04
C PHE D 167 -24.47 9.26 -14.02
N ASP D 168 -24.47 10.54 -13.68
CA ASP D 168 -25.15 11.54 -14.49
C ASP D 168 -24.15 12.38 -15.29
N THR D 169 -24.66 13.34 -16.05
CA THR D 169 -23.84 14.19 -16.91
C THR D 169 -22.70 14.89 -16.14
N SER D 170 -22.99 15.39 -14.94
CA SER D 170 -21.98 16.13 -14.17
C SER D 170 -20.78 15.26 -13.81
N ILE D 171 -21.09 14.09 -13.29
CA ILE D 171 -20.10 13.10 -12.90
C ILE D 171 -19.25 12.73 -14.11
N ALA D 172 -19.95 12.43 -15.20
CA ALA D 172 -19.30 12.12 -16.47
C ALA D 172 -18.32 13.26 -16.82
N GLN D 173 -18.72 14.50 -16.58
CA GLN D 173 -17.85 15.66 -16.87
C GLN D 173 -16.62 15.68 -15.99
N LEU D 174 -16.78 15.23 -14.74
CA LEU D 174 -15.64 15.09 -13.85
C LEU D 174 -14.62 14.13 -14.43
N PHE D 175 -15.11 13.10 -15.11
CA PHE D 175 -14.19 12.06 -15.56
C PHE D 175 -13.82 12.08 -17.06
N ALA D 176 -14.54 12.87 -17.86
CA ALA D 176 -14.32 12.86 -19.30
C ALA D 176 -13.13 13.70 -19.76
N GLU D 177 -12.46 13.21 -20.80
CA GLU D 177 -11.42 13.97 -21.50
C GLU D 177 -11.74 14.00 -22.99
N ASN D 178 -11.80 15.21 -23.56
CA ASN D 178 -12.10 15.42 -24.97
C ASN D 178 -13.44 14.84 -25.37
N GLY D 179 -14.43 15.00 -24.49
CA GLY D 179 -15.77 14.49 -24.74
C GLY D 179 -15.80 12.97 -24.82
N ASN D 180 -14.76 12.33 -24.27
CA ASN D 180 -14.64 10.87 -24.22
C ASN D 180 -14.60 10.40 -22.77
N LEU D 181 -15.15 9.22 -22.50
CA LEU D 181 -15.11 8.64 -21.16
C LEU D 181 -14.40 7.28 -21.15
N GLY D 182 -13.26 7.22 -20.46
CA GLY D 182 -12.56 5.97 -20.26
C GLY D 182 -13.12 5.22 -19.06
N ILE D 183 -13.57 3.99 -19.31
CA ILE D 183 -14.09 3.11 -18.27
C ILE D 183 -13.14 1.93 -18.12
N ASN D 184 -12.47 1.80 -16.96
CA ASN D 184 -11.65 0.60 -16.73
C ASN D 184 -12.49 -0.61 -16.41
N VAL D 185 -12.36 -1.67 -17.20
CA VAL D 185 -13.17 -2.88 -16.98
C VAL D 185 -12.28 -4.07 -16.68
N THR D 186 -12.49 -4.69 -15.51
CA THR D 186 -11.73 -5.85 -15.10
C THR D 186 -12.66 -7.03 -14.84
N ILE D 187 -12.45 -8.14 -15.53
CA ILE D 187 -13.21 -9.35 -15.25
C ILE D 187 -12.30 -10.31 -14.46
N SER D 188 -12.83 -10.95 -13.43
CA SER D 188 -12.06 -11.93 -12.67
C SER D 188 -12.94 -13.11 -12.26
N MET D 189 -12.29 -14.14 -11.69
CA MET D 189 -12.99 -15.32 -11.18
C MET D 189 -13.44 -15.08 -9.77
N CYS D 190 -14.66 -15.55 -9.53
CA CYS D 190 -15.42 -15.61 -8.28
C CYS D 190 -16.59 -14.68 -8.23
N VAL E 3 5.38 20.15 34.90
CA VAL E 3 6.28 19.02 34.94
C VAL E 3 5.75 17.86 34.11
N PRO E 4 6.66 17.20 33.36
CA PRO E 4 6.27 16.05 32.54
C PRO E 4 6.05 14.82 33.41
N LYS E 5 5.03 14.05 33.08
CA LYS E 5 4.70 12.86 33.85
C LYS E 5 5.76 11.79 33.61
N GLU E 6 6.02 11.01 34.64
CA GLU E 6 7.10 10.04 34.63
C GLU E 6 6.54 8.65 34.64
N VAL E 7 7.16 7.76 33.87
CA VAL E 7 6.77 6.36 33.93
C VAL E 7 7.95 5.46 34.25
N ARG E 8 7.78 4.64 35.28
CA ARG E 8 8.71 3.55 35.58
C ARG E 8 8.58 2.46 34.54
N VAL E 9 9.69 2.17 33.85
CA VAL E 9 9.70 1.09 32.90
C VAL E 9 10.71 0.04 33.32
N GLU E 10 10.24 -1.18 33.58
CA GLU E 10 11.13 -2.25 33.99
C GLU E 10 11.63 -2.93 32.73
N PRO E 11 12.83 -3.54 32.80
CA PRO E 11 13.39 -4.20 31.61
C PRO E 11 12.44 -5.24 31.06
N GLN E 12 12.44 -5.43 29.73
CA GLN E 12 11.72 -6.55 29.14
C GLN E 12 12.33 -7.81 29.73
N LYS E 13 11.47 -8.73 30.17
CA LYS E 13 11.81 -10.04 30.77
C LYS E 13 11.75 -9.91 32.29
N LYS F 5 -15.89 1.10 15.95
CA LYS F 5 -15.99 0.65 14.57
C LYS F 5 -17.27 1.13 13.87
N GLU F 6 -18.44 0.87 14.44
CA GLU F 6 -19.71 1.19 13.75
C GLU F 6 -20.65 2.03 14.60
N VAL F 7 -21.36 2.95 13.94
CA VAL F 7 -22.23 3.86 14.67
C VAL F 7 -23.56 4.07 14.02
N ARG F 8 -24.62 3.91 14.82
CA ARG F 8 -25.97 4.12 14.36
C ARG F 8 -26.18 5.59 14.33
N VAL F 9 -26.43 6.15 13.17
CA VAL F 9 -26.68 7.58 13.12
C VAL F 9 -28.08 7.85 12.59
N GLU F 10 -28.83 8.55 13.41
CA GLU F 10 -30.18 8.94 13.09
C GLU F 10 -30.18 10.29 12.39
N PRO F 11 -31.25 10.62 11.64
CA PRO F 11 -31.38 11.92 10.98
C PRO F 11 -31.17 13.06 11.99
N GLN F 12 -30.67 14.21 11.54
CA GLN F 12 -30.52 15.37 12.43
C GLN F 12 -31.83 15.74 13.17
N LYS F 13 -32.95 15.13 12.76
CA LYS F 13 -34.27 15.25 13.36
C LYS F 13 -34.66 16.69 13.68
N PRO G 4 39.91 -30.19 6.08
CA PRO G 4 38.96 -30.54 5.02
C PRO G 4 37.56 -30.76 5.54
N LYS G 5 37.22 -30.15 6.67
CA LYS G 5 35.92 -30.37 7.29
C LYS G 5 34.71 -29.74 6.59
N GLU G 6 33.56 -29.95 7.22
CA GLU G 6 32.26 -29.60 6.68
C GLU G 6 31.51 -28.72 7.65
N VAL G 7 30.59 -27.94 7.12
CA VAL G 7 29.85 -26.99 7.90
C VAL G 7 28.46 -26.97 7.37
N ARG G 8 27.47 -27.30 8.19
CA ARG G 8 26.09 -27.12 7.79
C ARG G 8 25.75 -25.66 7.84
N VAL G 9 25.36 -25.11 6.72
CA VAL G 9 24.95 -23.70 6.65
C VAL G 9 23.49 -23.59 6.31
N GLU G 10 22.75 -22.94 7.20
CA GLU G 10 21.33 -22.73 7.00
C GLU G 10 21.14 -21.45 6.19
N PRO G 11 19.99 -21.33 5.49
CA PRO G 11 19.67 -20.12 4.71
C PRO G 11 19.84 -18.88 5.59
N GLN G 12 20.10 -17.72 5.01
CA GLN G 12 20.30 -16.50 5.80
C GLN G 12 19.19 -16.26 6.83
N LYS G 13 17.99 -16.75 6.51
CA LYS G 13 16.73 -16.80 7.30
C LYS G 13 15.57 -16.39 6.39
N VAL H 3 -0.46 -2.34 -17.95
CA VAL H 3 -1.26 -1.29 -18.56
C VAL H 3 -2.37 -1.95 -19.37
N PRO H 4 -3.61 -1.53 -19.14
CA PRO H 4 -4.71 -2.18 -19.88
C PRO H 4 -4.78 -1.70 -21.34
N LYS H 5 -5.10 -2.60 -22.25
CA LYS H 5 -5.24 -2.20 -23.65
C LYS H 5 -6.53 -1.38 -23.75
N GLU H 6 -6.52 -0.40 -24.64
CA GLU H 6 -7.62 0.54 -24.78
C GLU H 6 -8.26 0.40 -26.15
N VAL H 7 -9.59 0.45 -26.20
CA VAL H 7 -10.26 0.51 -27.50
C VAL H 7 -11.29 1.65 -27.53
N ARG H 8 -11.20 2.48 -28.55
CA ARG H 8 -12.15 3.56 -28.79
C ARG H 8 -13.49 2.97 -29.22
N VAL H 9 -14.54 3.25 -28.47
CA VAL H 9 -15.85 2.75 -28.86
C VAL H 9 -16.75 3.91 -29.24
N GLU H 10 -17.18 3.94 -30.49
CA GLU H 10 -18.06 5.01 -30.93
C GLU H 10 -19.50 4.56 -30.67
N PRO H 11 -20.42 5.52 -30.49
CA PRO H 11 -21.81 5.14 -30.22
C PRO H 11 -22.46 4.29 -31.29
N GLN H 12 -23.38 3.41 -30.90
CA GLN H 12 -24.18 2.67 -31.85
C GLN H 12 -24.91 3.73 -32.68
N LYS H 13 -25.09 3.47 -33.97
CA LYS H 13 -25.75 4.43 -34.84
C LYS H 13 -27.25 4.28 -34.90
#